data_2D4A
#
_entry.id   2D4A
#
_cell.length_a   78.168
_cell.length_b   84.012
_cell.length_c   216.148
_cell.angle_alpha   90.00
_cell.angle_beta   90.00
_cell.angle_gamma   90.00
#
_symmetry.space_group_name_H-M   'P 21 21 21'
#
loop_
_entity.id
_entity.type
_entity.pdbx_description
1 polymer 'Malate dehydrogenase'
2 water water
#
_entity_poly.entity_id   1
_entity_poly.type   'polypeptide(L)'
_entity_poly.pdbx_seq_one_letter_code
;MITILGAGKVGMATAVMLMMRGYDDLLLIARTPGKPQGEALDLAHAAAELGVDIRISGSNSYEDMRGSDIVLVTAGIGRK
PGMTREQLLEANANTMADLAEKIKAYAKDAIVVITTNPVDAMTYVMYKKTGFPRERVIGFSGILDSARMAYYISQKLGVS
FKSVNAIVLGMHGQKMFPVPRLSSVGGVPLEHLMSKEEIEEVVSETVNAGAKITELRGYSSNYGPAAGLVLTVEAIKRDS
KRIYPYSLYLQGEYGYNDIVAEVPAVIGKSGIERIIELPLTEDEKRKFDEAVQAVKKLVETLPPQLRE
;
_entity_poly.pdbx_strand_id   B,D,C,A
#
# COMPACT_ATOMS: atom_id res chain seq x y z
N MET A 1 12.45 -12.67 -11.02
CA MET A 1 13.06 -12.55 -9.70
C MET A 1 14.13 -11.45 -9.73
N ILE A 2 14.16 -10.79 -8.56
CA ILE A 2 15.14 -9.73 -8.29
C ILE A 2 16.33 -10.38 -7.57
N THR A 3 17.49 -10.17 -7.96
CA THR A 3 18.66 -10.60 -7.20
C THR A 3 19.38 -9.38 -6.61
N ILE A 4 19.69 -9.43 -5.31
CA ILE A 4 20.50 -8.36 -4.69
C ILE A 4 21.91 -8.95 -4.49
N LEU A 5 22.93 -8.22 -4.81
CA LEU A 5 24.34 -8.60 -4.59
C LEU A 5 24.93 -7.80 -3.48
N GLY A 6 25.26 -8.43 -2.34
CA GLY A 6 25.83 -7.58 -1.27
C GLY A 6 25.74 -8.14 0.10
N ALA A 7 24.46 -8.11 0.59
CA ALA A 7 24.09 -8.48 1.97
C ALA A 7 24.63 -7.62 3.07
N GLY A 8 25.11 -6.42 2.70
CA GLY A 8 25.52 -5.42 3.66
C GLY A 8 24.44 -4.55 4.23
N LYS A 9 25.04 -3.25 4.46
CA LYS A 9 24.18 -2.23 5.01
C LYS A 9 23.15 -1.65 3.99
N VAL A 10 23.55 -1.37 2.79
CA VAL A 10 22.62 -0.84 1.79
C VAL A 10 21.87 -1.96 1.10
N GLY A 11 22.40 -3.14 1.12
CA GLY A 11 21.84 -4.36 0.59
C GLY A 11 20.62 -4.81 1.28
N MET A 12 20.85 -4.77 2.60
CA MET A 12 19.77 -5.17 3.47
C MET A 12 18.66 -4.14 3.56
N ALA A 13 18.99 -2.87 3.57
CA ALA A 13 17.93 -1.86 3.64
C ALA A 13 17.04 -2.05 2.41
N THR A 14 17.65 -2.21 1.23
CA THR A 14 16.93 -2.43 -0.04
C THR A 14 16.01 -3.64 0.09
N ALA A 15 16.54 -4.75 0.61
CA ALA A 15 15.77 -5.97 0.77
C ALA A 15 14.56 -5.79 1.67
N VAL A 16 14.69 -5.00 2.73
CA VAL A 16 13.56 -4.78 3.64
C VAL A 16 12.46 -4.00 2.89
N MET A 17 12.84 -2.90 2.23
CA MET A 17 11.90 -2.05 1.50
C MET A 17 11.24 -2.76 0.28
N LEU A 18 12.00 -3.60 -0.39
CA LEU A 18 11.45 -4.33 -1.53
C LEU A 18 10.42 -5.34 -1.03
N MET A 19 10.67 -5.88 0.16
CA MET A 19 9.81 -6.85 0.81
C MET A 19 8.46 -6.22 1.17
N MET A 20 8.51 -5.00 1.71
CA MET A 20 7.29 -4.27 2.09
C MET A 20 6.43 -4.08 0.85
N ARG A 21 7.08 -3.70 -0.25
CA ARG A 21 6.36 -3.48 -1.49
C ARG A 21 5.86 -4.78 -2.11
N GLY A 22 6.57 -5.89 -1.88
CA GLY A 22 6.15 -7.16 -2.44
C GLY A 22 6.04 -7.20 -3.97
N TYR A 23 6.91 -6.48 -4.67
CA TYR A 23 6.89 -6.45 -6.13
C TYR A 23 7.21 -7.79 -6.80
N ASP A 24 8.08 -8.58 -6.17
CA ASP A 24 8.54 -9.82 -6.77
C ASP A 24 9.40 -10.62 -5.77
N ASP A 25 9.80 -11.79 -6.09
CA ASP A 25 10.67 -12.64 -5.30
C ASP A 25 12.06 -12.04 -5.19
N LEU A 26 12.69 -12.39 -4.07
CA LEU A 26 14.00 -11.81 -3.75
C LEU A 26 15.03 -12.93 -3.60
N LEU A 27 16.25 -12.52 -3.89
CA LEU A 27 17.38 -13.45 -3.74
C LEU A 27 18.57 -12.70 -3.17
N LEU A 28 19.12 -13.17 -2.17
CA LEU A 28 20.29 -12.53 -1.57
C LEU A 28 21.53 -13.33 -1.90
N ILE A 29 22.55 -12.69 -2.46
CA ILE A 29 23.79 -13.40 -2.77
C ILE A 29 24.98 -12.63 -2.23
N ALA A 30 25.77 -13.26 -1.29
CA ALA A 30 26.96 -12.71 -0.68
C ALA A 30 28.00 -13.82 -0.52
N ARG A 31 29.26 -13.42 -0.51
CA ARG A 31 30.38 -14.34 -0.40
C ARG A 31 30.45 -15.11 0.92
N THR A 32 30.26 -14.40 2.02
CA THR A 32 30.33 -15.02 3.34
C THR A 32 29.29 -16.13 3.48
N PRO A 33 29.73 -17.37 3.86
CA PRO A 33 28.76 -18.44 4.08
C PRO A 33 27.85 -18.25 5.31
N GLY A 34 26.55 -18.42 5.09
CA GLY A 34 25.60 -18.26 6.17
C GLY A 34 25.02 -16.86 6.30
N LYS A 35 25.80 -15.82 5.97
CA LYS A 35 25.31 -14.45 6.09
C LYS A 35 24.00 -14.16 5.34
N PRO A 36 23.97 -14.42 4.02
CA PRO A 36 22.73 -14.16 3.29
C PRO A 36 21.60 -15.12 3.66
N GLN A 37 21.95 -16.36 3.97
CA GLN A 37 20.93 -17.32 4.35
C GLN A 37 20.24 -16.82 5.63
N GLY A 38 21.02 -16.63 6.68
CA GLY A 38 20.44 -16.17 7.93
C GLY A 38 19.70 -14.86 7.80
N GLU A 39 20.21 -13.97 6.96
CA GLU A 39 19.56 -12.69 6.82
C GLU A 39 18.20 -12.86 6.12
N ALA A 40 18.17 -13.72 5.11
CA ALA A 40 16.96 -14.01 4.34
C ALA A 40 15.94 -14.71 5.24
N LEU A 41 16.44 -15.42 6.24
CA LEU A 41 15.59 -16.14 7.18
C LEU A 41 14.90 -15.15 8.13
N ASP A 42 15.64 -14.16 8.61
CA ASP A 42 15.06 -13.17 9.50
C ASP A 42 14.06 -12.36 8.68
N LEU A 43 14.44 -12.05 7.45
CA LEU A 43 13.56 -11.27 6.58
C LEU A 43 12.29 -12.05 6.24
N ALA A 44 12.45 -13.35 5.94
CA ALA A 44 11.32 -14.20 5.61
C ALA A 44 10.30 -14.30 6.76
N HIS A 45 10.80 -14.36 7.99
CA HIS A 45 9.94 -14.43 9.18
C HIS A 45 9.14 -13.15 9.30
N ALA A 46 9.77 -12.04 8.91
CA ALA A 46 9.11 -10.74 8.95
C ALA A 46 8.03 -10.69 7.87
N ALA A 47 8.32 -11.28 6.71
CA ALA A 47 7.36 -11.29 5.62
C ALA A 47 6.09 -12.03 6.02
N ALA A 48 6.26 -13.06 6.84
CA ALA A 48 5.15 -13.88 7.32
C ALA A 48 4.24 -13.12 8.30
N GLU A 49 4.81 -12.22 9.10
CA GLU A 49 4.02 -11.43 10.05
C GLU A 49 3.22 -10.38 9.29
N LEU A 50 3.81 -9.86 8.22
CA LEU A 50 3.15 -8.84 7.42
C LEU A 50 2.21 -9.45 6.39
N GLY A 51 2.38 -10.75 6.13
CA GLY A 51 1.53 -11.42 5.17
C GLY A 51 1.89 -11.11 3.72
N VAL A 52 3.11 -10.82 3.54
CA VAL A 52 3.56 -10.55 2.19
C VAL A 52 4.05 -11.87 1.61
N ASP A 53 3.44 -12.57 0.88
CA ASP A 53 3.59 -13.85 0.28
C ASP A 53 4.79 -14.15 -0.54
N ILE A 54 5.62 -13.14 -0.79
CA ILE A 54 6.77 -13.39 -1.68
C ILE A 54 7.69 -14.45 -1.15
N ARG A 55 8.55 -14.92 -2.04
CA ARG A 55 9.64 -15.84 -1.67
C ARG A 55 10.90 -15.03 -1.39
N ILE A 56 11.64 -15.42 -0.36
CA ILE A 56 12.89 -14.75 -0.03
C ILE A 56 13.95 -15.78 0.26
N SER A 57 15.08 -15.72 -0.49
CA SER A 57 16.15 -16.69 -0.31
C SER A 57 17.55 -16.08 -0.12
N GLY A 58 18.45 -16.87 0.45
CA GLY A 58 19.82 -16.43 0.64
C GLY A 58 20.71 -17.43 -0.07
N SER A 59 21.90 -17.04 -0.45
CA SER A 59 22.76 -17.99 -1.18
C SER A 59 24.17 -17.44 -1.36
N ASN A 60 25.13 -18.36 -1.49
CA ASN A 60 26.54 -18.03 -1.67
C ASN A 60 26.93 -18.43 -3.09
N SER A 61 25.98 -18.97 -3.83
CA SER A 61 26.24 -19.41 -5.19
C SER A 61 25.65 -18.51 -6.26
N TYR A 62 26.52 -17.72 -6.90
CA TYR A 62 26.10 -16.81 -7.96
C TYR A 62 25.36 -17.51 -9.11
N GLU A 63 25.44 -18.83 -9.17
CA GLU A 63 24.74 -19.57 -10.22
C GLU A 63 23.24 -19.32 -10.04
N ASP A 64 22.81 -19.14 -8.80
CA ASP A 64 21.42 -18.92 -8.50
C ASP A 64 20.76 -17.68 -9.08
N MET A 65 21.54 -16.72 -9.53
CA MET A 65 20.93 -15.52 -10.07
C MET A 65 20.38 -15.69 -11.48
N ARG A 66 20.38 -16.92 -11.96
CA ARG A 66 19.86 -17.21 -13.30
C ARG A 66 18.38 -16.89 -13.32
N GLY A 67 17.94 -16.17 -14.33
CA GLY A 67 16.54 -15.84 -14.44
C GLY A 67 16.13 -14.49 -13.93
N SER A 68 17.20 -13.75 -13.22
CA SER A 68 16.65 -12.46 -12.75
C SER A 68 16.40 -11.45 -13.84
N ASP A 69 15.34 -10.61 -13.67
CA ASP A 69 15.16 -9.56 -14.70
C ASP A 69 15.80 -8.24 -14.24
N ILE A 70 15.99 -8.22 -12.91
CA ILE A 70 16.76 -7.11 -12.31
C ILE A 70 17.87 -7.70 -11.43
N VAL A 71 19.07 -7.05 -11.56
CA VAL A 71 20.16 -7.40 -10.67
C VAL A 71 20.62 -6.09 -10.03
N LEU A 72 20.54 -6.05 -8.71
CA LEU A 72 20.96 -4.89 -7.95
C LEU A 72 22.34 -5.18 -7.33
N VAL A 73 23.31 -4.30 -7.61
CA VAL A 73 24.68 -4.45 -7.10
C VAL A 73 24.92 -3.45 -5.97
N THR A 74 25.03 -3.96 -4.75
CA THR A 74 25.24 -3.08 -3.62
C THR A 74 26.52 -3.48 -2.88
N ALA A 75 27.21 -4.47 -3.44
CA ALA A 75 28.43 -5.03 -2.88
C ALA A 75 29.62 -4.13 -2.53
N GLY A 76 29.58 -2.86 -2.90
CA GLY A 76 30.74 -2.02 -2.60
C GLY A 76 31.15 -1.81 -1.14
N ILE A 77 32.35 -1.28 -0.95
CA ILE A 77 32.86 -0.94 0.38
C ILE A 77 32.52 0.55 0.54
N GLY A 78 32.55 1.04 1.76
CA GLY A 78 32.22 2.44 1.99
C GLY A 78 33.37 3.30 2.49
N GLU A 86 41.58 7.11 -2.99
CA GLU A 86 42.08 6.14 -4.01
C GLU A 86 42.07 4.74 -3.38
N GLN A 87 42.12 4.71 -2.05
CA GLN A 87 42.13 3.46 -1.31
C GLN A 87 40.73 2.84 -1.25
N LEU A 88 39.80 3.45 -1.99
CA LEU A 88 38.43 2.98 -2.05
C LEU A 88 38.18 2.54 -3.48
N LEU A 89 38.37 3.50 -4.38
CA LEU A 89 38.24 3.36 -5.83
C LEU A 89 38.81 2.04 -6.40
N GLU A 90 40.06 1.75 -6.08
CA GLU A 90 40.69 0.54 -6.58
C GLU A 90 40.05 -0.72 -6.00
N ALA A 91 39.68 -0.76 -4.73
CA ALA A 91 39.11 -1.92 -4.05
C ALA A 91 37.73 -2.22 -4.64
N ASN A 92 36.93 -1.21 -4.77
CA ASN A 92 35.60 -1.35 -5.31
C ASN A 92 35.57 -1.81 -6.75
N ALA A 93 36.45 -1.16 -7.51
CA ALA A 93 36.59 -1.46 -8.98
C ALA A 93 36.90 -2.93 -9.16
N ASN A 94 37.86 -3.37 -8.33
CA ASN A 94 38.19 -4.82 -8.39
C ASN A 94 36.91 -5.61 -8.10
N THR A 95 36.17 -5.11 -7.09
CA THR A 95 34.91 -5.78 -6.74
C THR A 95 33.97 -5.93 -7.91
N MET A 96 33.74 -4.86 -8.64
CA MET A 96 32.84 -4.76 -9.77
C MET A 96 33.25 -5.72 -10.88
N ALA A 97 34.51 -5.78 -11.21
CA ALA A 97 35.01 -6.68 -12.24
C ALA A 97 34.75 -8.15 -11.86
N ASP A 98 34.98 -8.47 -10.59
CA ASP A 98 34.73 -9.82 -10.12
C ASP A 98 33.22 -10.14 -10.23
N LEU A 99 32.35 -9.23 -9.74
CA LEU A 99 30.90 -9.38 -9.83
C LEU A 99 30.41 -9.32 -11.29
N ALA A 100 31.07 -8.51 -12.15
CA ALA A 100 30.66 -8.37 -13.55
C ALA A 100 30.80 -9.68 -14.33
N GLU A 101 31.84 -10.47 -14.22
CA GLU A 101 32.00 -11.76 -14.90
C GLU A 101 30.89 -12.72 -14.46
N LYS A 102 30.41 -12.57 -13.24
CA LYS A 102 29.35 -13.44 -12.72
C LYS A 102 28.00 -13.07 -13.32
N ILE A 103 27.68 -11.78 -13.28
CA ILE A 103 26.41 -11.29 -13.82
C ILE A 103 26.30 -11.59 -15.32
N LYS A 104 27.41 -11.41 -16.01
CA LYS A 104 27.50 -11.64 -17.44
C LYS A 104 27.21 -13.09 -17.78
N ALA A 105 27.48 -13.96 -16.79
CA ALA A 105 27.38 -15.40 -17.22
C ALA A 105 26.12 -15.97 -16.73
N TYR A 106 25.69 -15.49 -15.54
CA TYR A 106 24.52 -16.18 -14.92
C TYR A 106 23.31 -15.31 -15.10
N ALA A 107 23.21 -13.89 -15.58
CA ALA A 107 22.04 -12.93 -15.70
C ALA A 107 22.11 -12.26 -17.03
N LYS A 108 22.28 -13.08 -18.08
CA LYS A 108 22.47 -12.71 -19.45
C LYS A 108 21.41 -11.76 -20.03
N ASP A 109 20.36 -11.76 -19.39
CA ASP A 109 19.12 -11.01 -19.90
C ASP A 109 18.76 -9.87 -18.97
N ALA A 110 19.78 -9.47 -18.18
CA ALA A 110 19.47 -8.56 -17.08
C ALA A 110 19.89 -7.08 -17.24
N ILE A 111 19.06 -6.34 -16.40
CA ILE A 111 19.18 -4.92 -16.25
C ILE A 111 20.04 -4.77 -14.98
N VAL A 112 21.20 -4.34 -14.87
CA VAL A 112 21.90 -4.18 -13.60
C VAL A 112 21.94 -2.73 -13.15
N VAL A 113 21.73 -2.53 -11.84
CA VAL A 113 21.74 -1.22 -11.20
C VAL A 113 22.86 -1.22 -10.13
N ILE A 114 23.72 -0.22 -10.11
CA ILE A 114 24.91 -0.19 -9.24
C ILE A 114 24.65 0.88 -8.18
N THR A 115 24.87 0.55 -6.94
CA THR A 115 24.71 1.41 -5.76
C THR A 115 26.04 1.58 -5.07
N THR A 116 26.98 0.78 -5.62
CA THR A 116 28.39 0.89 -5.18
C THR A 116 28.93 2.26 -5.64
N ASN A 117 29.74 2.86 -4.83
CA ASN A 117 30.43 4.14 -5.11
C ASN A 117 31.93 3.97 -5.30
N PRO A 118 32.55 4.80 -6.16
CA PRO A 118 31.92 5.86 -6.96
C PRO A 118 31.00 5.32 -8.07
N VAL A 119 29.88 5.74 -8.47
CA VAL A 119 29.14 5.14 -9.41
C VAL A 119 29.43 5.46 -10.84
N ASP A 120 29.97 6.65 -10.81
CA ASP A 120 30.20 7.10 -12.20
C ASP A 120 31.38 6.28 -12.74
N ALA A 121 32.23 5.98 -11.77
CA ALA A 121 33.41 5.12 -12.11
C ALA A 121 33.01 3.64 -12.16
N MET A 122 32.10 3.24 -11.20
CA MET A 122 31.75 1.82 -11.09
C MET A 122 30.86 1.36 -12.24
N THR A 123 30.04 2.26 -12.74
CA THR A 123 29.14 1.94 -13.84
C THR A 123 30.00 1.73 -15.09
N TYR A 124 31.07 2.51 -15.19
CA TYR A 124 32.00 2.43 -16.30
C TYR A 124 32.55 1.02 -16.38
N VAL A 125 33.11 0.55 -15.28
CA VAL A 125 33.68 -0.79 -15.22
C VAL A 125 32.65 -1.85 -15.54
N MET A 126 31.56 -1.86 -14.78
CA MET A 126 30.50 -2.84 -14.98
C MET A 126 30.10 -2.89 -16.47
N TYR A 127 29.97 -1.73 -17.10
CA TYR A 127 29.60 -1.67 -18.52
C TYR A 127 30.66 -2.41 -19.35
N LYS A 128 31.91 -2.03 -19.17
CA LYS A 128 33.01 -2.65 -19.90
C LYS A 128 33.10 -4.17 -19.66
N LYS A 129 33.20 -4.59 -18.41
CA LYS A 129 33.33 -6.01 -18.11
C LYS A 129 32.13 -6.93 -18.36
N THR A 130 30.92 -6.38 -18.42
CA THR A 130 29.77 -7.24 -18.66
C THR A 130 29.54 -7.42 -20.14
N GLY A 131 29.76 -6.35 -20.89
CA GLY A 131 29.54 -6.41 -22.34
C GLY A 131 28.07 -6.30 -22.68
N PHE A 132 27.30 -5.64 -21.82
CA PHE A 132 25.88 -5.44 -22.02
C PHE A 132 25.64 -4.08 -22.73
N PRO A 133 24.50 -3.91 -23.42
CA PRO A 133 24.24 -2.63 -24.08
C PRO A 133 23.98 -1.56 -22.99
N ARG A 134 24.08 -0.32 -23.30
CA ARG A 134 23.93 0.84 -22.43
C ARG A 134 22.58 0.93 -21.72
N GLU A 135 21.52 0.45 -22.35
CA GLU A 135 20.16 0.33 -21.85
C GLU A 135 20.02 -0.39 -20.53
N ARG A 136 20.92 -1.36 -20.33
CA ARG A 136 20.81 -2.26 -19.19
C ARG A 136 21.87 -2.05 -18.11
N VAL A 137 22.71 -1.11 -18.15
CA VAL A 137 23.75 -0.91 -17.16
C VAL A 137 23.55 0.49 -16.55
N ILE A 138 22.65 0.57 -15.57
CA ILE A 138 22.30 1.84 -14.91
C ILE A 138 22.95 2.14 -13.57
N GLY A 139 23.51 3.34 -13.43
CA GLY A 139 24.12 3.73 -12.17
C GLY A 139 23.22 4.63 -11.35
N PHE A 140 23.00 4.24 -9.98
CA PHE A 140 22.10 5.00 -9.13
C PHE A 140 22.76 6.24 -8.55
N SER A 141 22.13 7.44 -8.88
CA SER A 141 22.70 8.64 -8.34
C SER A 141 21.75 9.84 -8.35
N GLY A 142 21.31 10.35 -9.39
CA GLY A 142 20.37 11.44 -9.39
C GLY A 142 19.11 11.49 -8.52
N ILE A 143 18.45 10.29 -8.45
CA ILE A 143 17.22 10.23 -7.65
C ILE A 143 17.52 10.67 -6.22
N LEU A 144 18.68 10.27 -5.69
CA LEU A 144 19.06 10.65 -4.33
C LEU A 144 19.55 12.10 -4.23
N ASP A 145 20.13 12.62 -5.31
CA ASP A 145 20.59 14.00 -5.29
C ASP A 145 19.38 14.93 -5.28
N SER A 146 18.44 14.77 -6.20
CA SER A 146 17.26 15.58 -6.22
C SER A 146 16.46 15.49 -4.92
N ALA A 147 16.26 14.24 -4.47
CA ALA A 147 15.40 14.14 -3.23
C ALA A 147 16.04 14.92 -2.06
N ARG A 148 17.35 14.84 -1.84
CA ARG A 148 18.04 15.58 -0.78
C ARG A 148 17.82 17.05 -1.07
N MET A 149 18.10 17.61 -2.32
CA MET A 149 17.85 19.01 -2.66
C MET A 149 16.44 19.46 -2.45
N ALA A 150 15.50 18.57 -2.77
CA ALA A 150 14.08 18.81 -2.43
C ALA A 150 13.82 19.00 -0.95
N TYR A 151 14.45 18.03 -0.18
CA TYR A 151 14.37 17.97 1.27
C TYR A 151 14.82 19.27 1.93
N TYR A 152 16.00 19.77 1.54
CA TYR A 152 16.48 21.00 2.15
C TYR A 152 15.67 22.21 1.74
N ILE A 153 15.07 22.16 0.55
CA ILE A 153 14.21 23.27 0.14
C ILE A 153 12.98 23.26 1.01
N SER A 154 12.31 22.12 1.11
CA SER A 154 11.11 22.08 1.92
C SER A 154 11.39 22.60 3.33
N GLN A 155 12.59 22.20 3.82
CA GLN A 155 12.89 22.51 5.22
C GLN A 155 13.08 24.00 5.45
N LYS A 156 13.41 24.73 4.41
CA LYS A 156 13.63 26.16 4.52
C LYS A 156 12.40 27.00 4.13
N LEU A 157 11.41 26.31 3.42
CA LEU A 157 10.21 27.01 3.01
C LEU A 157 8.99 26.71 3.85
N GLY A 158 8.96 25.49 4.39
CA GLY A 158 7.94 24.97 5.26
C GLY A 158 6.77 24.44 4.48
N VAL A 159 7.22 23.67 3.40
CA VAL A 159 6.28 23.01 2.50
C VAL A 159 6.75 21.58 2.23
N SER A 160 5.83 20.68 1.88
CA SER A 160 6.15 19.28 1.60
C SER A 160 7.15 19.13 0.46
N PHE A 161 8.05 18.16 0.57
CA PHE A 161 9.02 17.95 -0.50
C PHE A 161 8.36 17.32 -1.71
N LYS A 162 7.11 16.92 -1.55
CA LYS A 162 6.37 16.32 -2.65
C LYS A 162 6.03 17.45 -3.64
N SER A 163 6.00 18.68 -3.12
CA SER A 163 5.69 19.88 -3.88
C SER A 163 6.93 20.58 -4.43
N VAL A 164 8.08 19.93 -4.34
CA VAL A 164 9.33 20.52 -4.81
C VAL A 164 9.87 19.75 -6.00
N ASN A 165 10.19 20.47 -7.07
CA ASN A 165 10.72 19.83 -8.27
C ASN A 165 12.15 20.29 -8.52
N ALA A 166 13.09 19.63 -7.87
CA ALA A 166 14.51 19.96 -7.98
C ALA A 166 15.24 19.20 -9.08
N ILE A 167 15.86 19.94 -9.99
CA ILE A 167 16.59 19.30 -11.08
C ILE A 167 18.10 19.31 -10.88
N VAL A 168 18.73 18.18 -11.20
CA VAL A 168 20.19 18.04 -11.07
C VAL A 168 20.86 17.33 -12.23
N LEU A 169 22.17 17.55 -12.34
CA LEU A 169 23.01 16.99 -13.40
C LEU A 169 24.47 16.89 -12.97
N GLY A 170 25.27 16.25 -13.82
CA GLY A 170 26.68 16.14 -13.56
C GLY A 170 27.24 14.80 -13.14
N MET A 171 27.31 14.57 -11.84
CA MET A 171 27.87 13.34 -11.33
C MET A 171 27.54 13.20 -9.85
N HIS A 172 27.72 12.01 -9.31
CA HIS A 172 27.40 11.76 -7.91
C HIS A 172 28.58 12.04 -6.98
N GLY A 173 28.80 13.32 -6.69
CA GLY A 173 29.88 13.75 -5.81
C GLY A 173 30.02 15.26 -5.72
N GLN A 174 31.25 15.75 -5.69
CA GLN A 174 31.45 17.18 -5.57
C GLN A 174 31.04 18.08 -6.74
N LYS A 175 31.24 17.44 -7.77
CA LYS A 175 30.77 18.14 -8.95
C LYS A 175 29.27 17.98 -9.24
N MET A 176 28.55 17.30 -8.36
CA MET A 176 27.11 17.14 -8.57
C MET A 176 26.58 18.58 -8.65
N PHE A 177 25.59 18.84 -9.50
CA PHE A 177 25.07 20.20 -9.59
C PHE A 177 23.64 20.33 -10.08
N PRO A 178 22.79 21.01 -9.27
CA PRO A 178 21.38 21.27 -9.53
C PRO A 178 21.21 22.39 -10.53
N VAL A 179 19.99 22.53 -11.06
CA VAL A 179 19.69 23.57 -12.04
C VAL A 179 18.43 24.38 -11.54
N PRO A 180 18.69 25.57 -10.83
CA PRO A 180 17.64 26.45 -10.31
C PRO A 180 16.55 26.80 -11.32
N ARG A 181 16.72 27.50 -12.48
CA ARG A 181 15.82 27.99 -13.54
C ARG A 181 14.97 26.94 -14.24
N LEU A 182 14.96 25.72 -13.71
CA LEU A 182 14.17 24.63 -14.29
C LEU A 182 13.47 23.91 -13.15
N SER A 183 13.89 24.25 -11.93
CA SER A 183 13.34 23.69 -10.70
C SER A 183 12.28 24.61 -10.13
N SER A 184 11.22 24.02 -9.59
CA SER A 184 10.16 24.83 -9.01
C SER A 184 9.67 24.30 -7.68
N VAL A 185 8.67 24.99 -7.15
CA VAL A 185 8.07 24.62 -5.88
C VAL A 185 6.61 25.07 -5.92
N GLY A 186 5.72 24.12 -6.17
CA GLY A 186 4.30 24.42 -6.24
C GLY A 186 3.98 25.14 -7.53
N GLY A 187 4.89 25.08 -8.49
CA GLY A 187 4.66 25.74 -9.76
C GLY A 187 5.34 27.09 -9.79
N VAL A 188 5.82 27.53 -8.64
CA VAL A 188 6.50 28.82 -8.56
C VAL A 188 8.01 28.59 -8.76
N PRO A 189 8.62 29.33 -9.49
CA PRO A 189 10.04 29.18 -9.88
C PRO A 189 10.95 29.34 -8.67
N LEU A 190 11.93 28.45 -8.53
CA LEU A 190 12.85 28.51 -7.40
C LEU A 190 13.57 29.85 -7.29
N GLU A 191 13.94 30.42 -8.44
CA GLU A 191 14.65 31.68 -8.46
C GLU A 191 13.86 32.84 -7.86
N HIS A 192 12.49 32.66 -7.83
CA HIS A 192 11.63 33.75 -7.42
C HIS A 192 11.47 33.69 -5.90
N LEU A 193 11.38 32.49 -5.36
CA LEU A 193 11.22 32.31 -3.91
C LEU A 193 12.46 32.56 -3.11
N MET A 194 13.61 32.13 -3.63
CA MET A 194 14.88 32.30 -2.91
C MET A 194 15.93 33.12 -3.65
N SER A 195 16.76 33.82 -2.89
CA SER A 195 17.85 34.62 -3.46
C SER A 195 19.01 33.68 -3.89
N LYS A 196 19.98 34.22 -4.64
CA LYS A 196 21.14 33.42 -5.06
C LYS A 196 21.86 32.88 -3.81
N GLU A 197 21.82 33.73 -2.77
CA GLU A 197 22.50 33.36 -1.53
C GLU A 197 21.89 32.09 -0.92
N GLU A 198 20.48 32.43 -0.88
CA GLU A 198 19.68 31.31 -0.48
C GLU A 198 19.87 30.02 -1.22
N ILE A 199 19.72 29.96 -2.51
CA ILE A 199 19.94 28.67 -3.22
C ILE A 199 21.32 28.14 -2.99
N GLU A 200 22.30 29.03 -2.84
CA GLU A 200 23.65 28.55 -2.52
C GLU A 200 23.70 27.78 -1.19
N GLU A 201 22.88 28.22 -0.04
CA GLU A 201 22.65 27.49 1.21
C GLU A 201 21.99 26.15 1.04
N VAL A 202 21.23 25.69 0.16
CA VAL A 202 20.64 24.37 0.02
C VAL A 202 21.57 23.47 -0.80
N VAL A 203 22.39 24.23 -1.30
CA VAL A 203 23.26 23.32 -2.08
C VAL A 203 24.41 22.75 -1.30
N SER A 204 24.72 23.32 -0.20
CA SER A 204 25.90 23.03 0.67
C SER A 204 25.50 21.84 1.52
N GLU A 205 24.19 21.99 1.78
CA GLU A 205 23.46 21.09 2.70
C GLU A 205 23.30 19.74 1.98
N THR A 206 23.14 19.95 0.67
CA THR A 206 23.05 18.82 -0.28
C THR A 206 24.36 18.11 -0.42
N VAL A 207 25.30 18.84 -1.02
CA VAL A 207 26.56 18.25 -1.35
C VAL A 207 27.27 17.79 -0.09
N ASN A 208 26.87 18.32 1.06
CA ASN A 208 27.50 17.93 2.32
C ASN A 208 26.73 16.89 3.13
N ALA A 209 25.54 16.53 2.66
CA ALA A 209 24.69 15.56 3.35
C ALA A 209 25.39 14.24 3.61
N GLY A 210 25.77 13.53 2.54
CA GLY A 210 26.46 12.28 2.72
C GLY A 210 27.55 12.39 3.79
N ALA A 211 28.39 13.42 3.72
CA ALA A 211 29.46 13.62 4.71
C ALA A 211 28.93 13.88 6.11
N LYS A 212 27.75 14.49 6.18
CA LYS A 212 27.16 14.80 7.47
C LYS A 212 26.59 13.55 8.13
N ILE A 213 26.05 12.77 7.24
CA ILE A 213 25.49 11.60 7.88
C ILE A 213 26.53 10.58 8.32
N THR A 214 27.68 10.56 7.66
CA THR A 214 28.75 9.65 8.04
C THR A 214 29.29 10.12 9.38
N GLU A 215 29.52 11.39 9.52
CA GLU A 215 30.05 12.02 10.72
C GLU A 215 29.18 11.73 11.97
N LEU A 216 27.83 11.90 11.66
CA LEU A 216 27.03 11.74 12.87
C LEU A 216 26.84 10.25 13.19
N ARG A 217 26.45 9.54 12.13
CA ARG A 217 26.14 8.12 12.18
C ARG A 217 27.34 7.24 12.00
N GLY A 218 28.48 7.60 11.92
CA GLY A 218 29.67 6.83 11.69
C GLY A 218 29.80 6.00 10.42
N TYR A 219 28.78 5.95 9.57
CA TYR A 219 28.89 5.20 8.33
C TYR A 219 28.01 5.80 7.25
N SER A 220 28.52 5.80 6.02
CA SER A 220 27.82 6.39 4.89
C SER A 220 26.40 5.90 4.65
N SER A 221 25.65 6.74 3.95
CA SER A 221 24.25 6.53 3.60
C SER A 221 23.89 5.15 3.08
N ASN A 222 22.72 4.68 3.61
CA ASN A 222 22.31 3.40 3.08
C ASN A 222 20.93 3.39 2.49
N TYR A 223 20.06 4.20 3.13
CA TYR A 223 18.62 4.20 2.86
C TYR A 223 18.38 4.97 1.57
N GLY A 224 19.03 6.15 1.59
CA GLY A 224 18.92 7.06 0.41
C GLY A 224 19.02 6.19 -0.85
N PRO A 225 20.19 5.39 -0.80
CA PRO A 225 20.22 4.53 -2.04
C PRO A 225 19.14 3.50 -2.14
N ALA A 226 18.89 2.70 -1.07
CA ALA A 226 17.87 1.63 -1.04
C ALA A 226 16.51 2.12 -1.52
N ALA A 227 16.00 3.18 -0.90
CA ALA A 227 14.72 3.71 -1.30
C ALA A 227 14.78 4.11 -2.78
N GLY A 228 15.96 4.50 -3.25
CA GLY A 228 16.10 4.89 -4.64
C GLY A 228 15.97 3.68 -5.57
N LEU A 229 16.51 2.57 -5.11
CA LEU A 229 16.46 1.31 -5.84
C LEU A 229 15.01 0.83 -5.99
N VAL A 230 14.18 1.10 -4.97
CA VAL A 230 12.77 0.71 -4.99
C VAL A 230 12.04 1.42 -6.14
N LEU A 231 12.28 2.73 -6.26
CA LEU A 231 11.68 3.52 -7.32
C LEU A 231 12.14 2.97 -8.68
N THR A 232 13.45 2.67 -8.76
CA THR A 232 14.04 2.11 -9.98
C THR A 232 13.34 0.80 -10.32
N VAL A 233 13.18 -0.07 -9.33
CA VAL A 233 12.54 -1.35 -9.56
C VAL A 233 11.09 -1.18 -10.00
N GLU A 234 10.37 -0.27 -9.37
CA GLU A 234 8.97 -0.02 -9.70
C GLU A 234 8.80 0.55 -11.11
N ALA A 235 9.66 1.50 -11.46
CA ALA A 235 9.63 2.12 -12.77
C ALA A 235 9.80 1.08 -13.89
N ILE A 236 10.71 0.13 -13.67
CA ILE A 236 10.99 -0.95 -14.63
C ILE A 236 9.85 -1.97 -14.73
N LYS A 237 9.43 -2.48 -13.57
CA LYS A 237 8.36 -3.47 -13.52
C LYS A 237 7.08 -2.96 -14.18
N ARG A 238 6.76 -1.68 -14.03
CA ARG A 238 5.55 -1.15 -14.64
C ARG A 238 5.72 -0.64 -16.07
N ASP A 239 6.95 -0.65 -16.60
CA ASP A 239 7.25 -0.13 -17.93
C ASP A 239 6.67 1.29 -17.98
N SER A 240 6.86 2.03 -16.88
CA SER A 240 6.34 3.38 -16.71
C SER A 240 6.77 4.47 -17.68
N LYS A 241 7.78 4.34 -18.28
CA LYS A 241 8.42 5.36 -19.13
C LYS A 241 8.59 6.64 -18.35
N ARG A 242 9.10 6.49 -17.11
CA ARG A 242 9.42 7.60 -16.23
C ARG A 242 10.70 8.36 -16.62
N ILE A 243 10.99 9.63 -16.08
CA ILE A 243 12.21 10.35 -16.38
C ILE A 243 12.91 10.57 -15.04
N TYR A 244 14.06 9.92 -14.87
CA TYR A 244 14.86 10.05 -13.65
C TYR A 244 16.32 10.28 -14.01
N PRO A 245 17.03 11.07 -13.21
CA PRO A 245 18.45 11.32 -13.49
C PRO A 245 19.24 10.09 -13.06
N TYR A 246 19.95 9.47 -14.00
CA TYR A 246 20.77 8.28 -13.72
C TYR A 246 22.17 8.51 -14.24
N SER A 247 23.11 7.67 -13.80
CA SER A 247 24.49 7.72 -14.27
C SER A 247 24.48 6.68 -15.37
N LEU A 248 24.79 7.12 -16.58
CA LEU A 248 24.76 6.28 -17.75
C LEU A 248 25.97 6.47 -18.63
N TYR A 249 26.28 5.43 -19.41
CA TYR A 249 27.40 5.45 -20.32
C TYR A 249 26.95 6.27 -21.53
N LEU A 250 27.72 7.32 -21.83
CA LEU A 250 27.37 8.21 -22.94
C LEU A 250 28.01 7.80 -24.26
N GLN A 251 27.32 8.11 -25.35
CA GLN A 251 27.76 7.82 -26.71
C GLN A 251 27.19 8.90 -27.62
N GLY A 252 27.60 10.14 -27.38
CA GLY A 252 27.12 11.25 -28.18
C GLY A 252 26.36 12.31 -27.40
N GLU A 253 25.35 11.92 -26.63
CA GLU A 253 24.55 12.87 -25.86
C GLU A 253 25.36 13.89 -25.07
N TYR A 254 24.62 14.98 -25.07
CA TYR A 254 25.30 16.09 -24.40
C TYR A 254 26.69 16.35 -25.02
N GLY A 255 27.27 15.90 -26.25
CA GLY A 255 28.55 16.11 -26.91
C GLY A 255 29.72 15.44 -26.21
N TYR A 256 29.45 14.31 -25.54
CA TYR A 256 30.48 13.55 -24.84
C TYR A 256 30.30 12.06 -25.16
N ASN A 257 31.37 11.28 -25.03
CA ASN A 257 31.28 9.86 -25.27
C ASN A 257 32.38 9.10 -24.56
N ASP A 258 32.15 7.80 -24.38
CA ASP A 258 33.06 6.90 -23.67
C ASP A 258 33.39 7.40 -22.28
N ILE A 259 32.35 7.81 -21.56
CA ILE A 259 32.46 8.31 -20.19
C ILE A 259 31.08 8.13 -19.58
N VAL A 260 31.01 8.13 -18.24
CA VAL A 260 29.74 7.99 -17.52
C VAL A 260 29.39 9.29 -16.80
N ALA A 261 28.15 9.75 -16.93
CA ALA A 261 27.72 10.98 -16.26
C ALA A 261 26.27 10.90 -15.77
N GLU A 262 25.92 11.73 -14.80
CA GLU A 262 24.57 11.75 -14.25
C GLU A 262 23.63 12.59 -15.14
N VAL A 263 22.73 11.93 -15.85
CA VAL A 263 21.81 12.60 -16.76
C VAL A 263 20.37 12.07 -16.70
N PRO A 264 19.39 12.91 -17.08
CA PRO A 264 18.00 12.43 -17.04
C PRO A 264 17.70 11.49 -18.21
N ALA A 265 17.06 10.36 -17.91
CA ALA A 265 16.74 9.40 -18.95
C ALA A 265 15.38 8.79 -18.68
N VAL A 266 14.79 8.23 -19.74
CA VAL A 266 13.50 7.56 -19.65
C VAL A 266 13.86 6.11 -19.38
N ILE A 267 13.32 5.56 -18.28
CA ILE A 267 13.58 4.18 -17.87
C ILE A 267 12.33 3.34 -18.11
N GLY A 268 12.51 2.14 -18.68
CA GLY A 268 11.38 1.27 -18.95
C GLY A 268 11.64 -0.17 -18.57
N LYS A 269 10.86 -1.09 -19.14
CA LYS A 269 11.02 -2.51 -18.83
C LYS A 269 12.25 -3.18 -19.43
N SER A 270 12.88 -2.52 -20.40
CA SER A 270 14.07 -3.09 -21.01
C SER A 270 15.33 -2.25 -20.73
N GLY A 271 15.22 -1.31 -19.80
CA GLY A 271 16.34 -0.46 -19.47
C GLY A 271 16.04 0.97 -19.84
N ILE A 272 17.03 1.67 -20.43
CA ILE A 272 16.93 3.10 -20.82
C ILE A 272 16.55 3.12 -22.32
N GLU A 273 15.49 3.91 -22.52
CA GLU A 273 14.90 3.97 -23.87
C GLU A 273 15.62 5.01 -24.67
N ARG A 274 15.83 6.12 -23.96
CA ARG A 274 16.43 7.34 -24.44
C ARG A 274 16.97 8.24 -23.34
N ILE A 275 17.96 9.03 -23.58
CA ILE A 275 18.48 10.03 -22.64
C ILE A 275 17.95 11.41 -22.98
N ILE A 276 17.45 12.14 -22.00
CA ILE A 276 16.94 13.52 -22.18
C ILE A 276 18.15 14.47 -22.12
N GLU A 277 18.04 15.44 -23.03
CA GLU A 277 19.09 16.46 -23.21
C GLU A 277 18.52 17.81 -22.82
N LEU A 278 18.85 18.26 -21.63
CA LEU A 278 18.27 19.53 -21.16
C LEU A 278 18.73 20.71 -21.98
N PRO A 279 18.01 21.82 -22.09
CA PRO A 279 18.42 23.08 -22.73
C PRO A 279 19.27 23.91 -21.76
N LEU A 280 20.55 23.56 -21.66
CA LEU A 280 21.50 24.23 -20.78
C LEU A 280 22.07 25.54 -21.30
N THR A 281 22.32 26.48 -20.40
CA THR A 281 22.91 27.75 -20.80
C THR A 281 24.41 27.50 -20.90
N GLU A 282 25.17 28.55 -21.17
CA GLU A 282 26.62 28.42 -21.31
C GLU A 282 27.33 28.16 -19.99
N ASP A 283 26.80 28.70 -18.90
CA ASP A 283 27.41 28.49 -17.60
C ASP A 283 27.13 27.07 -17.11
N GLU A 284 26.00 26.54 -17.40
CA GLU A 284 25.43 25.22 -17.05
C GLU A 284 26.20 24.15 -17.77
N LYS A 285 26.55 24.56 -18.93
CA LYS A 285 27.31 23.67 -19.79
C LYS A 285 28.72 23.52 -19.20
N ARG A 286 29.31 24.70 -18.84
CA ARG A 286 30.67 24.67 -18.22
C ARG A 286 30.76 23.84 -16.97
N LYS A 287 29.62 23.93 -16.18
CA LYS A 287 29.56 23.19 -14.94
C LYS A 287 29.44 21.69 -15.23
N PHE A 288 28.77 21.36 -16.32
CA PHE A 288 28.61 19.97 -16.70
C PHE A 288 29.95 19.40 -17.17
N ASP A 289 30.73 20.23 -17.84
CA ASP A 289 32.02 19.79 -18.33
C ASP A 289 32.98 19.52 -17.17
N GLU A 290 32.84 20.29 -16.10
CA GLU A 290 33.68 20.10 -14.93
C GLU A 290 33.34 18.80 -14.24
N ALA A 291 32.08 18.39 -14.37
CA ALA A 291 31.60 17.15 -13.78
C ALA A 291 32.15 15.97 -14.58
N VAL A 292 32.00 16.03 -15.90
CA VAL A 292 32.50 14.96 -16.76
C VAL A 292 34.00 14.76 -16.54
N GLN A 293 34.74 15.99 -16.49
CA GLN A 293 36.18 16.00 -16.28
C GLN A 293 36.52 15.33 -14.93
N ALA A 294 35.67 15.50 -13.92
CA ALA A 294 35.97 14.88 -12.63
C ALA A 294 35.89 13.37 -12.77
N VAL A 295 34.96 12.90 -13.58
CA VAL A 295 34.81 11.46 -13.77
C VAL A 295 35.97 10.94 -14.61
N LYS A 296 36.31 11.70 -15.64
CA LYS A 296 37.41 11.36 -16.54
C LYS A 296 38.67 11.00 -15.75
N LYS A 297 39.05 11.84 -14.78
CA LYS A 297 40.22 11.54 -13.98
C LYS A 297 39.94 10.46 -12.92
N LEU A 298 38.71 10.34 -12.49
CA LEU A 298 38.37 9.34 -11.50
C LEU A 298 38.59 7.93 -12.09
N VAL A 299 38.33 7.77 -13.38
CA VAL A 299 38.49 6.49 -14.04
C VAL A 299 39.94 6.16 -14.36
N GLU A 300 40.68 7.18 -14.79
CA GLU A 300 42.09 6.99 -15.13
C GLU A 300 42.97 6.69 -13.91
N THR A 301 42.43 6.92 -12.71
CA THR A 301 43.14 6.62 -11.48
C THR A 301 43.10 5.08 -11.30
N LEU A 302 42.47 4.39 -12.26
CA LEU A 302 42.30 2.92 -12.22
C LEU A 302 43.31 2.15 -13.02
N PRO A 303 43.68 0.96 -12.54
CA PRO A 303 44.64 0.11 -13.25
C PRO A 303 43.96 -0.21 -14.56
N PRO A 304 44.71 -0.30 -15.68
CA PRO A 304 44.08 -0.63 -16.96
C PRO A 304 43.40 -2.03 -16.90
N GLN A 305 44.00 -2.94 -16.14
CA GLN A 305 43.41 -4.28 -15.97
C GLN A 305 41.91 -4.05 -15.71
N LEU A 306 41.61 -3.30 -14.64
CA LEU A 306 40.22 -3.01 -14.22
C LEU A 306 39.41 -2.11 -15.13
N ARG A 307 39.93 -0.94 -15.49
CA ARG A 307 39.18 -0.04 -16.37
C ARG A 307 38.91 -0.70 -17.72
N GLU A 308 39.85 -1.20 -18.63
CA GLU A 308 39.75 -1.79 -19.97
C GLU A 308 40.89 -1.37 -20.89
N MET B 1 -1.53 -8.51 -19.03
CA MET B 1 -2.49 -7.63 -18.39
C MET B 1 -3.72 -8.34 -17.84
N ILE B 2 -4.55 -7.59 -17.14
CA ILE B 2 -5.78 -8.11 -16.55
C ILE B 2 -6.99 -7.56 -17.31
N THR B 3 -7.77 -8.45 -17.90
CA THR B 3 -8.94 -8.03 -18.65
C THR B 3 -10.24 -8.16 -17.84
N ILE B 4 -11.02 -7.09 -17.79
CA ILE B 4 -12.30 -7.16 -17.11
C ILE B 4 -13.38 -7.18 -18.19
N LEU B 5 -14.25 -8.18 -18.17
CA LEU B 5 -15.34 -8.26 -19.13
C LEU B 5 -16.59 -7.82 -18.40
N GLY B 6 -17.02 -6.53 -18.69
CA GLY B 6 -18.18 -6.07 -17.98
C GLY B 6 -18.55 -4.63 -18.13
N ALA B 7 -17.59 -3.83 -17.68
CA ALA B 7 -17.92 -2.37 -17.68
C ALA B 7 -19.19 -2.02 -16.95
N GLY B 8 -19.77 -2.84 -16.00
CA GLY B 8 -20.91 -2.64 -15.15
C GLY B 8 -20.61 -2.04 -13.80
N LYS B 9 -21.45 -2.51 -12.88
CA LYS B 9 -21.30 -2.08 -11.51
C LYS B 9 -20.20 -2.85 -10.72
N VAL B 10 -20.17 -4.17 -10.83
CA VAL B 10 -19.10 -4.94 -10.14
C VAL B 10 -17.74 -4.84 -10.89
N GLY B 11 -17.93 -4.82 -12.19
CA GLY B 11 -16.72 -4.71 -12.98
C GLY B 11 -15.99 -3.41 -12.72
N MET B 12 -16.74 -2.32 -12.61
CA MET B 12 -16.12 -1.02 -12.36
C MET B 12 -15.58 -0.90 -10.95
N ALA B 13 -16.19 -1.59 -9.99
CA ALA B 13 -15.69 -1.52 -8.64
C ALA B 13 -14.34 -2.27 -8.61
N THR B 14 -14.29 -3.39 -9.34
CA THR B 14 -13.09 -4.24 -9.46
C THR B 14 -11.96 -3.45 -10.11
N ALA B 15 -12.28 -2.71 -11.16
CA ALA B 15 -11.28 -1.91 -11.85
C ALA B 15 -10.73 -0.86 -10.90
N VAL B 16 -11.60 -0.18 -10.17
CA VAL B 16 -11.15 0.86 -9.24
C VAL B 16 -10.16 0.29 -8.21
N MET B 17 -10.54 -0.81 -7.57
CA MET B 17 -9.69 -1.43 -6.57
C MET B 17 -8.38 -1.97 -7.15
N LEU B 18 -8.43 -2.47 -8.39
CA LEU B 18 -7.24 -3.00 -9.07
C LEU B 18 -6.28 -1.87 -9.44
N MET B 19 -6.83 -0.72 -9.80
CA MET B 19 -6.01 0.44 -10.15
C MET B 19 -5.25 0.88 -8.88
N MET B 20 -5.93 0.81 -7.74
CA MET B 20 -5.33 1.18 -6.46
C MET B 20 -4.06 0.36 -6.23
N ARG B 21 -4.20 -0.96 -6.26
CA ARG B 21 -3.08 -1.87 -6.05
C ARG B 21 -2.01 -1.92 -7.16
N GLY B 22 -2.30 -1.33 -8.32
CA GLY B 22 -1.34 -1.33 -9.41
C GLY B 22 -0.65 -2.66 -9.69
N TYR B 23 -1.37 -3.77 -9.65
CA TYR B 23 -0.72 -5.05 -9.89
C TYR B 23 -0.30 -5.27 -11.33
N ASP B 24 -0.94 -4.58 -12.27
CA ASP B 24 -0.60 -4.82 -13.65
C ASP B 24 -1.46 -3.88 -14.47
N ASP B 25 -1.36 -3.94 -15.78
CA ASP B 25 -2.18 -3.09 -16.61
C ASP B 25 -3.54 -3.76 -16.68
N LEU B 26 -4.58 -2.97 -16.89
CA LEU B 26 -5.90 -3.58 -16.98
C LEU B 26 -6.69 -3.00 -18.15
N LEU B 27 -7.35 -3.89 -18.89
CA LEU B 27 -8.14 -3.54 -20.07
C LEU B 27 -9.62 -3.87 -19.88
N LEU B 28 -10.48 -2.86 -20.05
CA LEU B 28 -11.93 -3.03 -19.91
C LEU B 28 -12.61 -3.31 -21.25
N ILE B 29 -13.44 -4.35 -21.30
CA ILE B 29 -14.19 -4.65 -22.52
C ILE B 29 -15.68 -4.83 -22.21
N ALA B 30 -16.55 -4.22 -23.03
CA ALA B 30 -17.99 -4.30 -22.92
C ALA B 30 -18.60 -4.01 -24.28
N ARG B 31 -19.78 -4.55 -24.52
CA ARG B 31 -20.49 -4.40 -25.77
C ARG B 31 -20.92 -2.98 -26.11
N THR B 32 -21.47 -2.28 -25.12
CA THR B 32 -21.93 -0.91 -25.33
C THR B 32 -20.79 0.00 -25.78
N PRO B 33 -20.97 0.57 -27.03
CA PRO B 33 -19.96 1.48 -27.55
C PRO B 33 -19.76 2.77 -26.73
N GLY B 34 -18.50 3.12 -26.51
CA GLY B 34 -18.17 4.31 -25.75
C GLY B 34 -18.23 4.17 -24.24
N LYS B 35 -18.97 3.18 -23.75
CA LYS B 35 -19.11 2.95 -22.30
C LYS B 35 -17.78 2.61 -21.64
N PRO B 36 -17.10 1.55 -22.13
CA PRO B 36 -15.81 1.17 -21.54
C PRO B 36 -14.69 2.21 -21.72
N GLN B 37 -14.68 2.91 -22.85
CA GLN B 37 -13.67 3.92 -23.09
C GLN B 37 -13.94 5.13 -22.17
N GLY B 38 -15.21 5.48 -22.01
CA GLY B 38 -15.55 6.60 -21.15
C GLY B 38 -15.10 6.33 -19.73
N GLU B 39 -15.20 5.18 -19.38
CA GLU B 39 -14.84 4.85 -18.01
C GLU B 39 -13.33 4.64 -17.82
N ALA B 40 -12.81 3.89 -18.64
CA ALA B 40 -11.37 3.72 -18.52
C ALA B 40 -10.71 5.10 -18.48
N LEU B 41 -11.29 6.05 -19.21
CA LEU B 41 -10.74 7.40 -19.24
C LEU B 41 -10.83 8.09 -17.88
N ASP B 42 -12.01 8.07 -17.25
CA ASP B 42 -12.17 8.70 -15.94
C ASP B 42 -11.16 8.04 -15.02
N LEU B 43 -11.10 6.72 -15.10
CA LEU B 43 -10.18 5.94 -14.26
C LEU B 43 -8.71 6.29 -14.50
N ALA B 44 -8.32 6.49 -15.75
CA ALA B 44 -6.95 6.85 -16.07
C ALA B 44 -6.59 8.18 -15.38
N HIS B 45 -7.52 9.15 -15.41
CA HIS B 45 -7.29 10.44 -14.79
C HIS B 45 -7.11 10.26 -13.29
N ALA B 46 -7.74 9.22 -12.73
CA ALA B 46 -7.67 8.90 -11.30
C ALA B 46 -6.29 8.34 -10.97
N ALA B 47 -5.79 7.47 -11.83
CA ALA B 47 -4.47 6.88 -11.63
C ALA B 47 -3.41 7.99 -11.76
N ALA B 48 -3.70 8.99 -12.58
CA ALA B 48 -2.79 10.10 -12.77
C ALA B 48 -2.69 10.99 -11.52
N GLU B 49 -3.74 11.04 -10.70
CA GLU B 49 -3.71 11.85 -9.49
C GLU B 49 -2.99 11.07 -8.39
N LEU B 50 -3.23 9.76 -8.35
CA LEU B 50 -2.64 8.87 -7.35
C LEU B 50 -1.20 8.46 -7.66
N GLY B 51 -0.78 8.70 -8.90
CA GLY B 51 0.56 8.38 -9.33
C GLY B 51 0.80 6.92 -9.71
N VAL B 52 -0.31 6.35 -10.05
CA VAL B 52 -0.22 4.92 -10.32
C VAL B 52 0.03 4.73 -11.81
N ASP B 53 1.36 4.59 -12.11
CA ASP B 53 1.93 4.42 -13.46
C ASP B 53 1.34 3.38 -14.43
N ILE B 54 0.28 2.68 -14.25
CA ILE B 54 -0.16 1.53 -15.07
C ILE B 54 -0.93 2.02 -16.27
N ARG B 55 -1.29 1.14 -17.18
CA ARG B 55 -2.13 1.46 -18.33
C ARG B 55 -3.58 1.02 -18.01
N ILE B 56 -4.53 1.83 -18.55
CA ILE B 56 -5.94 1.50 -18.40
C ILE B 56 -6.64 1.81 -19.72
N SER B 57 -7.31 0.81 -20.27
CA SER B 57 -8.00 0.99 -21.54
C SER B 57 -9.40 0.41 -21.53
N GLY B 58 -10.19 0.87 -22.50
CA GLY B 58 -11.55 0.40 -22.63
C GLY B 58 -11.75 0.08 -24.09
N SER B 59 -12.37 -1.06 -24.40
CA SER B 59 -12.58 -1.43 -25.79
C SER B 59 -13.90 -2.15 -26.06
N ASN B 60 -14.35 -2.12 -27.30
CA ASN B 60 -15.59 -2.82 -27.67
C ASN B 60 -15.22 -4.02 -28.51
N SER B 61 -13.93 -4.21 -28.68
CA SER B 61 -13.42 -5.29 -29.48
C SER B 61 -12.83 -6.44 -28.65
N TYR B 62 -13.58 -7.53 -28.53
CA TYR B 62 -13.13 -8.68 -27.74
C TYR B 62 -11.82 -9.28 -28.17
N GLU B 63 -11.32 -8.87 -29.34
CA GLU B 63 -10.05 -9.38 -29.83
C GLU B 63 -8.89 -8.71 -29.10
N ASP B 64 -9.18 -7.68 -28.33
CA ASP B 64 -8.14 -6.98 -27.60
C ASP B 64 -7.80 -7.60 -26.26
N MET B 65 -8.25 -8.84 -26.01
CA MET B 65 -7.97 -9.51 -24.74
C MET B 65 -6.91 -10.58 -24.88
N ARG B 66 -6.34 -10.73 -26.07
CA ARG B 66 -5.31 -11.75 -26.28
C ARG B 66 -4.03 -11.33 -25.57
N GLY B 67 -3.39 -12.28 -24.91
CA GLY B 67 -2.17 -11.94 -24.19
C GLY B 67 -2.47 -11.71 -22.72
N SER B 68 -3.72 -11.94 -22.30
CA SER B 68 -4.10 -11.75 -20.90
C SER B 68 -3.88 -13.00 -20.08
N ASP B 69 -3.25 -12.83 -18.93
CA ASP B 69 -2.98 -13.91 -18.03
C ASP B 69 -4.28 -14.25 -17.29
N ILE B 70 -5.01 -13.20 -16.92
CA ILE B 70 -6.24 -13.34 -16.18
C ILE B 70 -7.38 -12.58 -16.85
N VAL B 71 -8.52 -13.25 -16.96
CA VAL B 71 -9.73 -12.68 -17.52
C VAL B 71 -10.80 -12.73 -16.45
N LEU B 72 -11.22 -11.56 -15.96
CA LEU B 72 -12.24 -11.50 -14.92
C LEU B 72 -13.62 -11.31 -15.54
N VAL B 73 -14.49 -12.29 -15.35
CA VAL B 73 -15.86 -12.24 -15.88
C VAL B 73 -16.85 -11.75 -14.82
N THR B 74 -17.49 -10.63 -15.16
CA THR B 74 -18.46 -9.96 -14.29
C THR B 74 -19.63 -9.45 -15.13
N ALA B 75 -19.59 -9.80 -16.41
CA ALA B 75 -20.59 -9.37 -17.37
C ALA B 75 -22.06 -9.69 -17.12
N GLY B 76 -22.37 -10.46 -16.14
CA GLY B 76 -23.76 -10.84 -16.10
C GLY B 76 -24.71 -9.65 -15.85
N ILE B 77 -25.80 -10.02 -15.24
CA ILE B 77 -26.92 -9.19 -14.80
C ILE B 77 -27.12 -9.39 -13.32
N GLY B 78 -27.42 -8.53 -12.41
CA GLY B 78 -27.70 -8.86 -11.01
C GLY B 78 -29.16 -8.95 -10.61
N ARG B 79 -29.46 -9.74 -9.57
CA ARG B 79 -30.83 -9.87 -9.09
C ARG B 79 -31.37 -8.50 -8.71
N LYS B 80 -32.60 -8.26 -9.11
CA LYS B 80 -33.24 -6.98 -8.86
C LYS B 80 -34.45 -7.17 -7.95
N PRO B 81 -34.72 -6.19 -7.07
CA PRO B 81 -35.85 -6.23 -6.14
C PRO B 81 -37.14 -6.71 -6.80
N GLY B 82 -37.76 -7.71 -6.15
CA GLY B 82 -38.98 -8.30 -6.66
C GLY B 82 -38.59 -9.09 -7.89
N MET B 83 -37.54 -9.91 -7.77
CA MET B 83 -37.07 -10.69 -8.93
C MET B 83 -37.10 -12.20 -8.90
N THR B 84 -37.22 -12.78 -10.10
CA THR B 84 -37.30 -14.22 -10.30
C THR B 84 -35.99 -14.99 -10.42
N ARG B 85 -35.71 -15.83 -9.41
CA ARG B 85 -34.51 -16.65 -9.36
C ARG B 85 -34.14 -17.26 -10.72
N GLU B 86 -35.09 -18.00 -11.30
CA GLU B 86 -34.85 -18.61 -12.61
C GLU B 86 -34.74 -17.51 -13.68
N GLN B 87 -35.39 -16.37 -13.44
CA GLN B 87 -35.39 -15.26 -14.41
C GLN B 87 -34.05 -14.53 -14.46
N LEU B 88 -33.05 -15.14 -13.84
CA LEU B 88 -31.69 -14.62 -13.80
C LEU B 88 -30.81 -15.69 -14.45
N LEU B 89 -30.83 -16.87 -13.85
CA LEU B 89 -30.10 -18.06 -14.30
C LEU B 89 -29.95 -18.23 -15.80
N GLU B 90 -31.07 -18.20 -16.54
CA GLU B 90 -31.14 -18.49 -17.96
C GLU B 90 -30.51 -17.31 -18.71
N ALA B 91 -30.81 -16.11 -18.22
CA ALA B 91 -30.28 -14.89 -18.80
C ALA B 91 -28.74 -14.90 -18.73
N ASN B 92 -28.19 -15.01 -17.52
CA ASN B 92 -26.74 -15.03 -17.31
C ASN B 92 -26.05 -16.23 -17.95
N ALA B 93 -26.77 -17.34 -18.06
CA ALA B 93 -26.25 -18.56 -18.69
C ALA B 93 -25.98 -18.22 -20.16
N ASN B 94 -26.90 -17.48 -20.78
CA ASN B 94 -26.71 -17.12 -22.17
C ASN B 94 -25.51 -16.20 -22.32
N THR B 95 -25.36 -15.29 -21.38
CA THR B 95 -24.24 -14.37 -21.41
C THR B 95 -22.93 -15.15 -21.33
N MET B 96 -22.83 -16.03 -20.34
CA MET B 96 -21.63 -16.83 -20.16
C MET B 96 -21.26 -17.56 -21.46
N ALA B 97 -22.22 -18.29 -22.04
CA ALA B 97 -21.99 -19.02 -23.28
C ALA B 97 -21.42 -18.10 -24.34
N ASP B 98 -22.11 -17.01 -24.58
CA ASP B 98 -21.68 -16.07 -25.57
C ASP B 98 -20.24 -15.62 -25.35
N LEU B 99 -19.93 -15.27 -24.11
CA LEU B 99 -18.60 -14.81 -23.70
C LEU B 99 -17.56 -15.93 -23.78
N ALA B 100 -17.99 -17.15 -23.48
CA ALA B 100 -17.08 -18.29 -23.52
C ALA B 100 -16.43 -18.39 -24.89
N GLU B 101 -17.23 -18.23 -25.95
CA GLU B 101 -16.73 -18.31 -27.31
C GLU B 101 -15.65 -17.27 -27.59
N LYS B 102 -15.76 -16.09 -26.96
CA LYS B 102 -14.76 -15.05 -27.16
C LYS B 102 -13.47 -15.47 -26.45
N ILE B 103 -13.59 -15.89 -25.19
CA ILE B 103 -12.42 -16.32 -24.40
C ILE B 103 -11.71 -17.47 -25.14
N LYS B 104 -12.51 -18.43 -25.61
CA LYS B 104 -12.02 -19.61 -26.32
C LYS B 104 -11.18 -19.29 -27.55
N ALA B 105 -11.47 -18.17 -28.20
CA ALA B 105 -10.77 -17.76 -29.42
C ALA B 105 -9.61 -16.78 -29.23
N TYR B 106 -9.66 -15.94 -28.19
CA TYR B 106 -8.61 -14.95 -27.99
C TYR B 106 -7.75 -15.06 -26.75
N ALA B 107 -8.13 -15.91 -25.79
CA ALA B 107 -7.34 -16.05 -24.58
C ALA B 107 -7.28 -17.47 -24.04
N LYS B 108 -6.90 -18.40 -24.91
CA LYS B 108 -6.80 -19.83 -24.61
C LYS B 108 -6.02 -20.21 -23.34
N ASP B 109 -4.91 -19.52 -23.13
CA ASP B 109 -4.03 -19.81 -22.01
C ASP B 109 -4.32 -19.03 -20.72
N ALA B 110 -5.35 -18.18 -20.74
CA ALA B 110 -5.73 -17.35 -19.60
C ALA B 110 -6.49 -18.06 -18.47
N ILE B 111 -6.42 -17.51 -17.26
CA ILE B 111 -7.19 -18.01 -16.09
C ILE B 111 -8.45 -17.12 -16.00
N VAL B 112 -9.71 -17.85 -16.05
CA VAL B 112 -10.92 -17.04 -15.94
C VAL B 112 -11.55 -17.15 -14.57
N VAL B 113 -12.07 -16.02 -14.10
CA VAL B 113 -12.69 -16.03 -12.75
C VAL B 113 -14.10 -15.44 -12.92
N ILE B 114 -15.10 -16.13 -12.58
CA ILE B 114 -16.46 -15.61 -12.77
C ILE B 114 -17.04 -15.09 -11.46
N THR B 115 -17.83 -14.01 -11.53
CA THR B 115 -18.48 -13.46 -10.33
C THR B 115 -19.99 -13.61 -10.54
N THR B 116 -20.41 -13.63 -11.81
CA THR B 116 -21.81 -13.75 -12.17
C THR B 116 -22.56 -14.83 -11.39
N ASN B 117 -23.77 -14.49 -10.95
CA ASN B 117 -24.62 -15.39 -10.17
C ASN B 117 -25.81 -15.94 -10.97
N PRO B 118 -26.24 -17.18 -10.69
CA PRO B 118 -25.66 -18.12 -9.70
C PRO B 118 -24.27 -18.63 -10.10
N VAL B 119 -23.24 -18.20 -9.38
CA VAL B 119 -21.86 -18.59 -9.67
C VAL B 119 -21.62 -20.06 -10.02
N ASP B 120 -22.12 -20.94 -9.18
CA ASP B 120 -21.95 -22.38 -9.38
C ASP B 120 -22.45 -22.82 -10.76
N ALA B 121 -23.68 -22.46 -11.09
CA ALA B 121 -24.24 -22.81 -12.37
C ALA B 121 -23.45 -22.12 -13.50
N MET B 122 -23.12 -20.84 -13.30
CA MET B 122 -22.39 -20.07 -14.30
C MET B 122 -21.00 -20.67 -14.52
N THR B 123 -20.35 -21.08 -13.44
CA THR B 123 -19.03 -21.68 -13.55
C THR B 123 -19.15 -22.96 -14.38
N TYR B 124 -20.23 -23.70 -14.17
CA TYR B 124 -20.48 -24.94 -14.90
C TYR B 124 -20.58 -24.67 -16.40
N VAL B 125 -21.47 -23.78 -16.80
CA VAL B 125 -21.65 -23.45 -18.21
C VAL B 125 -20.35 -22.96 -18.86
N MET B 126 -19.65 -22.06 -18.17
CA MET B 126 -18.39 -21.52 -18.68
C MET B 126 -17.32 -22.61 -18.85
N TYR B 127 -17.29 -23.56 -17.92
CA TYR B 127 -16.34 -24.66 -17.95
C TYR B 127 -16.58 -25.56 -19.16
N LYS B 128 -17.85 -25.88 -19.41
CA LYS B 128 -18.23 -26.73 -20.52
C LYS B 128 -18.03 -26.06 -21.87
N LYS B 129 -18.37 -24.78 -21.97
CA LYS B 129 -18.28 -24.04 -23.21
C LYS B 129 -16.90 -23.61 -23.68
N THR B 130 -16.00 -23.36 -22.73
CA THR B 130 -14.65 -22.91 -23.08
C THR B 130 -13.76 -24.06 -23.52
N GLY B 131 -13.93 -25.22 -22.89
CA GLY B 131 -13.09 -26.35 -23.23
C GLY B 131 -11.85 -26.32 -22.38
N PHE B 132 -11.74 -25.27 -21.55
CA PHE B 132 -10.61 -25.09 -20.62
C PHE B 132 -10.64 -26.14 -19.50
N PRO B 133 -9.47 -26.42 -18.89
CA PRO B 133 -9.43 -27.40 -17.79
C PRO B 133 -9.98 -26.75 -16.50
N ARG B 134 -10.34 -27.56 -15.51
CA ARG B 134 -10.88 -27.06 -14.24
C ARG B 134 -10.00 -26.01 -13.58
N GLU B 135 -8.81 -26.59 -13.74
CA GLU B 135 -7.86 -25.72 -13.10
C GLU B 135 -7.86 -24.28 -13.60
N ARG B 136 -8.39 -23.77 -14.50
CA ARG B 136 -8.41 -22.42 -15.07
C ARG B 136 -9.80 -21.80 -15.24
N VAL B 137 -10.82 -22.43 -14.66
CA VAL B 137 -12.17 -21.88 -14.71
C VAL B 137 -12.58 -21.73 -13.24
N ILE B 138 -12.47 -20.52 -12.70
CA ILE B 138 -12.78 -20.27 -11.29
C ILE B 138 -13.99 -19.40 -10.99
N GLY B 139 -14.94 -19.94 -10.22
CA GLY B 139 -16.10 -19.16 -9.85
C GLY B 139 -15.81 -18.56 -8.49
N PHE B 140 -16.02 -17.28 -8.21
CA PHE B 140 -15.84 -16.67 -6.87
C PHE B 140 -17.06 -16.82 -6.00
N SER B 141 -16.94 -17.48 -4.85
CA SER B 141 -18.00 -17.68 -3.87
C SER B 141 -17.59 -17.70 -2.44
N GLY B 142 -16.74 -18.58 -2.05
CA GLY B 142 -16.27 -18.82 -0.69
C GLY B 142 -15.56 -17.69 0.05
N ILE B 143 -14.67 -16.96 -0.61
CA ILE B 143 -13.96 -15.86 0.03
C ILE B 143 -15.00 -14.92 0.61
N LEU B 144 -15.93 -14.44 -0.21
CA LEU B 144 -16.95 -13.53 0.29
C LEU B 144 -17.84 -14.14 1.37
N ASP B 145 -18.19 -15.42 1.27
CA ASP B 145 -19.03 -16.03 2.31
C ASP B 145 -18.26 -16.03 3.62
N SER B 146 -16.98 -16.39 3.52
CA SER B 146 -16.08 -16.46 4.66
C SER B 146 -15.89 -15.09 5.33
N ALA B 147 -15.76 -14.04 4.52
CA ALA B 147 -15.56 -12.68 5.04
C ALA B 147 -16.82 -12.16 5.71
N ARG B 148 -17.99 -12.48 5.13
CA ARG B 148 -19.27 -12.05 5.69
C ARG B 148 -19.53 -12.78 7.02
N MET B 149 -19.21 -14.07 7.04
CA MET B 149 -19.38 -14.87 8.23
C MET B 149 -18.50 -14.25 9.31
N ALA B 150 -17.24 -13.99 8.94
CA ALA B 150 -16.27 -13.39 9.84
C ALA B 150 -16.72 -12.03 10.36
N TYR B 151 -17.33 -11.25 9.47
CA TYR B 151 -17.84 -9.92 9.79
C TYR B 151 -18.96 -9.98 10.84
N TYR B 152 -19.91 -10.88 10.64
CA TYR B 152 -21.01 -11.01 11.58
C TYR B 152 -20.55 -11.52 12.94
N ILE B 153 -19.66 -12.50 12.94
CA ILE B 153 -19.14 -13.06 14.20
C ILE B 153 -18.42 -11.93 14.93
N SER B 154 -17.73 -11.11 14.15
CA SER B 154 -16.99 -9.98 14.66
C SER B 154 -17.91 -8.99 15.38
N GLN B 155 -18.88 -8.45 14.66
CA GLN B 155 -19.80 -7.49 15.27
C GLN B 155 -20.38 -7.99 16.58
N LYS B 156 -20.60 -9.29 16.66
CA LYS B 156 -21.18 -9.90 17.85
C LYS B 156 -20.21 -10.11 19.03
N LEU B 157 -18.93 -10.34 18.77
CA LEU B 157 -17.98 -10.56 19.86
C LEU B 157 -17.13 -9.34 20.21
N GLY B 158 -17.24 -8.28 19.41
CA GLY B 158 -16.47 -7.09 19.68
C GLY B 158 -14.98 -7.25 19.40
N VAL B 159 -14.62 -8.03 18.38
CA VAL B 159 -13.23 -8.22 18.02
C VAL B 159 -13.06 -8.01 16.51
N SER B 160 -11.81 -7.80 16.08
CA SER B 160 -11.51 -7.59 14.66
C SER B 160 -11.83 -8.82 13.81
N PHE B 161 -12.45 -8.61 12.64
CA PHE B 161 -12.75 -9.74 11.76
C PHE B 161 -11.47 -10.40 11.28
N LYS B 162 -10.37 -9.70 11.47
CA LYS B 162 -9.05 -10.20 11.08
C LYS B 162 -8.69 -11.35 12.00
N SER B 163 -9.29 -11.38 13.18
CA SER B 163 -8.98 -12.42 14.14
C SER B 163 -9.93 -13.58 14.09
N VAL B 164 -10.77 -13.60 13.07
CA VAL B 164 -11.74 -14.67 12.93
C VAL B 164 -11.41 -15.54 11.74
N ASN B 165 -11.42 -16.84 11.97
CA ASN B 165 -11.12 -17.81 10.93
C ASN B 165 -12.42 -18.60 10.68
N ALA B 166 -13.13 -18.29 9.60
CA ALA B 166 -14.38 -18.98 9.31
C ALA B 166 -14.32 -19.93 8.13
N ILE B 167 -14.68 -21.19 8.38
CA ILE B 167 -14.66 -22.19 7.32
C ILE B 167 -16.08 -22.43 6.76
N VAL B 168 -16.21 -22.34 5.45
CA VAL B 168 -17.51 -22.55 4.80
C VAL B 168 -17.36 -23.53 3.63
N LEU B 169 -18.48 -24.12 3.20
CA LEU B 169 -18.47 -25.08 2.09
C LEU B 169 -19.86 -25.16 1.45
N GLY B 170 -19.95 -25.95 0.40
CA GLY B 170 -21.23 -26.14 -0.26
C GLY B 170 -21.35 -25.50 -1.62
N MET B 171 -22.14 -24.43 -1.67
CA MET B 171 -22.36 -23.68 -2.90
C MET B 171 -22.72 -22.28 -2.49
N HIS B 172 -22.72 -21.37 -3.45
CA HIS B 172 -23.02 -19.97 -3.16
C HIS B 172 -24.51 -19.64 -3.17
N GLY B 173 -25.19 -20.00 -2.09
CA GLY B 173 -26.61 -19.70 -2.00
C GLY B 173 -27.21 -20.28 -0.73
N GLN B 174 -28.50 -20.54 -0.78
CA GLN B 174 -29.25 -21.10 0.35
C GLN B 174 -28.55 -22.25 1.10
N LYS B 175 -27.99 -23.21 0.35
CA LYS B 175 -27.33 -24.34 0.98
C LYS B 175 -25.84 -24.20 1.33
N MET B 176 -25.37 -22.97 1.46
CA MET B 176 -23.98 -22.72 1.84
C MET B 176 -23.99 -23.00 3.34
N PHE B 177 -23.02 -23.76 3.83
CA PHE B 177 -22.96 -24.03 5.27
C PHE B 177 -21.55 -23.85 5.79
N PRO B 178 -21.42 -23.40 7.04
CA PRO B 178 -20.17 -23.16 7.77
C PRO B 178 -19.81 -24.41 8.54
N VAL B 179 -18.58 -24.50 9.00
CA VAL B 179 -18.15 -25.65 9.77
C VAL B 179 -17.61 -25.17 11.12
N PRO B 180 -18.51 -24.77 12.03
CA PRO B 180 -18.14 -24.27 13.37
C PRO B 180 -17.12 -25.15 14.11
N ARG B 181 -17.21 -26.45 13.88
CA ARG B 181 -16.30 -27.39 14.52
C ARG B 181 -14.87 -27.06 14.08
N LEU B 182 -14.73 -26.52 12.89
CA LEU B 182 -13.40 -26.19 12.39
C LEU B 182 -13.11 -24.70 12.31
N SER B 183 -13.92 -23.90 13.00
CA SER B 183 -13.74 -22.45 12.98
C SER B 183 -13.23 -21.96 14.33
N SER B 184 -12.79 -20.71 14.38
CA SER B 184 -12.29 -20.18 15.64
C SER B 184 -12.08 -18.67 15.61
N VAL B 185 -11.69 -18.14 16.77
CA VAL B 185 -11.46 -16.72 16.95
C VAL B 185 -10.24 -16.53 17.86
N GLY B 186 -9.17 -15.98 17.32
CA GLY B 186 -7.97 -15.78 18.12
C GLY B 186 -7.47 -17.07 18.74
N GLY B 187 -7.80 -18.20 18.11
CA GLY B 187 -7.37 -19.49 18.64
C GLY B 187 -8.41 -20.21 19.48
N VAL B 188 -9.58 -19.59 19.65
CA VAL B 188 -10.64 -20.19 20.45
C VAL B 188 -11.74 -20.79 19.56
N PRO B 189 -11.97 -22.16 19.76
CA PRO B 189 -13.04 -22.74 18.92
C PRO B 189 -14.37 -22.03 19.05
N LEU B 190 -14.98 -21.75 17.90
CA LEU B 190 -16.25 -21.03 17.79
C LEU B 190 -17.34 -21.63 18.67
N GLU B 191 -17.42 -22.92 18.76
CA GLU B 191 -18.35 -23.62 19.61
C GLU B 191 -18.16 -23.40 21.08
N HIS B 192 -17.15 -22.69 21.46
CA HIS B 192 -16.93 -22.33 22.85
C HIS B 192 -17.42 -20.91 23.14
N LEU B 193 -17.21 -20.03 22.17
CA LEU B 193 -17.58 -18.63 22.33
C LEU B 193 -19.03 -18.32 21.98
N MET B 194 -19.67 -19.22 21.23
CA MET B 194 -21.05 -18.98 20.86
C MET B 194 -21.95 -20.20 21.04
N SER B 195 -23.20 -19.93 21.43
CA SER B 195 -24.18 -20.99 21.62
C SER B 195 -24.60 -21.41 20.22
N LYS B 196 -25.35 -22.51 20.13
CA LYS B 196 -25.78 -23.01 18.83
C LYS B 196 -26.83 -22.11 18.17
N GLU B 197 -27.61 -21.38 18.96
CA GLU B 197 -28.64 -20.50 18.42
C GLU B 197 -27.98 -19.25 17.84
N GLU B 198 -26.91 -18.81 18.49
CA GLU B 198 -26.17 -17.63 18.04
C GLU B 198 -25.43 -17.90 16.73
N ILE B 199 -24.92 -19.11 16.58
CA ILE B 199 -24.21 -19.51 15.39
C ILE B 199 -25.11 -19.55 14.17
N GLU B 200 -26.34 -19.99 14.36
CA GLU B 200 -27.29 -20.08 13.25
C GLU B 200 -27.83 -18.70 12.93
N GLU B 201 -27.63 -17.78 13.86
CA GLU B 201 -28.07 -16.41 13.66
C GLU B 201 -27.11 -15.79 12.65
N VAL B 202 -25.81 -15.93 12.92
CA VAL B 202 -24.80 -15.40 12.01
C VAL B 202 -24.83 -16.12 10.65
N VAL B 203 -25.20 -17.41 10.65
CA VAL B 203 -25.30 -18.17 9.41
C VAL B 203 -26.45 -17.62 8.57
N SER B 204 -27.48 -17.09 9.24
CA SER B 204 -28.62 -16.51 8.53
C SER B 204 -28.19 -15.19 7.91
N GLU B 205 -27.56 -14.35 8.72
CA GLU B 205 -27.07 -13.04 8.28
C GLU B 205 -26.17 -13.21 7.06
N THR B 206 -25.37 -14.26 7.07
CA THR B 206 -24.43 -14.56 6.00
C THR B 206 -25.10 -15.06 4.72
N VAL B 207 -25.93 -16.09 4.86
CA VAL B 207 -26.64 -16.65 3.73
C VAL B 207 -27.58 -15.61 3.13
N ASN B 208 -28.17 -14.76 3.98
CA ASN B 208 -29.11 -13.73 3.53
C ASN B 208 -28.51 -12.35 3.33
N ALA B 209 -27.21 -12.23 3.58
CA ALA B 209 -26.49 -10.97 3.45
C ALA B 209 -26.70 -10.28 2.12
N GLY B 210 -26.58 -11.02 1.03
CA GLY B 210 -26.75 -10.42 -0.27
C GLY B 210 -28.12 -9.83 -0.49
N ALA B 211 -29.16 -10.51 -0.05
CA ALA B 211 -30.52 -10.01 -0.23
C ALA B 211 -30.80 -8.75 0.60
N LYS B 212 -30.22 -8.69 1.79
CA LYS B 212 -30.43 -7.54 2.66
C LYS B 212 -29.94 -6.24 2.05
N ILE B 213 -28.77 -6.25 1.40
CA ILE B 213 -28.28 -5.01 0.82
C ILE B 213 -28.97 -4.65 -0.49
N THR B 214 -29.46 -5.66 -1.21
CA THR B 214 -30.19 -5.38 -2.45
C THR B 214 -31.47 -4.62 -2.08
N GLU B 215 -32.13 -5.05 -1.00
CA GLU B 215 -33.36 -4.41 -0.52
C GLU B 215 -33.10 -3.04 0.11
N LEU B 216 -31.90 -2.83 0.63
CA LEU B 216 -31.60 -1.56 1.27
C LEU B 216 -31.19 -0.44 0.30
N ARG B 217 -30.20 -0.68 -0.56
CA ARG B 217 -29.78 0.36 -1.50
C ARG B 217 -30.43 0.19 -2.86
N GLY B 218 -31.19 -0.90 -3.02
CA GLY B 218 -31.88 -1.13 -4.27
C GLY B 218 -31.20 -1.97 -5.33
N TYR B 219 -29.99 -2.46 -5.06
CA TYR B 219 -29.31 -3.29 -6.03
C TYR B 219 -28.28 -4.22 -5.39
N SER B 220 -28.14 -5.40 -5.98
CA SER B 220 -27.25 -6.45 -5.50
C SER B 220 -25.80 -6.06 -5.25
N SER B 221 -25.16 -6.81 -4.35
CA SER B 221 -23.78 -6.59 -3.96
C SER B 221 -22.80 -6.44 -5.11
N ASN B 222 -21.80 -5.58 -4.94
CA ASN B 222 -20.79 -5.39 -5.96
C ASN B 222 -19.40 -5.13 -5.37
N TYR B 223 -19.32 -4.48 -4.21
CA TYR B 223 -18.00 -4.24 -3.65
C TYR B 223 -17.41 -5.56 -3.14
N GLY B 224 -18.20 -6.35 -2.42
CA GLY B 224 -17.71 -7.63 -1.92
C GLY B 224 -17.08 -8.43 -3.05
N PRO B 225 -17.84 -8.78 -4.09
CA PRO B 225 -17.22 -9.55 -5.17
C PRO B 225 -15.90 -8.92 -5.59
N ALA B 226 -15.94 -7.64 -5.92
CA ALA B 226 -14.77 -6.88 -6.36
C ALA B 226 -13.54 -7.09 -5.47
N ALA B 227 -13.71 -6.87 -4.16
CA ALA B 227 -12.61 -7.06 -3.22
C ALA B 227 -12.17 -8.52 -3.28
N GLY B 228 -13.12 -9.39 -3.58
CA GLY B 228 -12.80 -10.81 -3.67
C GLY B 228 -11.89 -11.06 -4.84
N LEU B 229 -12.13 -10.35 -5.94
CA LEU B 229 -11.29 -10.53 -7.12
C LEU B 229 -9.87 -10.02 -6.90
N VAL B 230 -9.74 -8.96 -6.11
CA VAL B 230 -8.42 -8.37 -5.81
C VAL B 230 -7.51 -9.44 -5.19
N LEU B 231 -8.04 -10.17 -4.22
CA LEU B 231 -7.28 -11.22 -3.54
C LEU B 231 -6.87 -12.29 -4.54
N THR B 232 -7.85 -12.79 -5.29
CA THR B 232 -7.62 -13.81 -6.30
C THR B 232 -6.49 -13.38 -7.22
N VAL B 233 -6.54 -12.14 -7.69
CA VAL B 233 -5.50 -11.66 -8.60
C VAL B 233 -4.13 -11.64 -7.94
N GLU B 234 -4.08 -11.17 -6.70
CA GLU B 234 -2.82 -11.11 -5.99
C GLU B 234 -2.25 -12.52 -5.75
N ALA B 235 -3.14 -13.47 -5.49
CA ALA B 235 -2.75 -14.84 -5.24
C ALA B 235 -2.06 -15.49 -6.44
N ILE B 236 -2.53 -15.17 -7.64
CA ILE B 236 -1.99 -15.71 -8.90
C ILE B 236 -0.64 -15.06 -9.25
N LYS B 237 -0.64 -13.72 -9.28
CA LYS B 237 0.56 -12.94 -9.59
C LYS B 237 1.74 -13.30 -8.68
N ARG B 238 1.43 -13.70 -7.45
CA ARG B 238 2.46 -14.05 -6.50
C ARG B 238 2.72 -15.55 -6.47
N ASP B 239 1.89 -16.31 -7.17
CA ASP B 239 2.04 -17.76 -7.18
C ASP B 239 2.20 -18.20 -5.71
N SER B 240 1.34 -17.61 -4.77
CA SER B 240 1.40 -17.82 -3.33
C SER B 240 1.00 -19.15 -2.81
N LYS B 241 0.16 -19.87 -3.66
CA LYS B 241 -0.27 -21.13 -3.08
C LYS B 241 -0.93 -20.86 -1.73
N ARG B 242 -2.03 -19.97 -1.85
CA ARG B 242 -2.95 -19.68 -0.76
C ARG B 242 -4.10 -20.68 -0.86
N ILE B 243 -4.75 -20.89 0.27
CA ILE B 243 -5.91 -21.75 0.30
C ILE B 243 -7.15 -20.89 0.49
N TYR B 244 -7.96 -20.93 -0.46
CA TYR B 244 -9.22 -20.16 -0.46
C TYR B 244 -10.33 -21.06 -1.00
N PRO B 245 -11.57 -20.84 -0.55
CA PRO B 245 -12.71 -21.63 -1.01
C PRO B 245 -13.22 -21.01 -2.32
N TYR B 246 -13.40 -21.83 -3.35
CA TYR B 246 -13.86 -21.38 -4.68
C TYR B 246 -14.86 -22.40 -5.20
N SER B 247 -15.73 -21.99 -6.10
CA SER B 247 -16.66 -22.94 -6.70
C SER B 247 -15.87 -23.52 -7.87
N LEU B 248 -15.63 -24.83 -7.78
CA LEU B 248 -14.84 -25.54 -8.79
C LEU B 248 -15.58 -26.76 -9.32
N TYR B 249 -15.22 -27.17 -10.53
CA TYR B 249 -15.80 -28.34 -11.16
C TYR B 249 -15.09 -29.54 -10.54
N LEU B 250 -15.84 -30.39 -9.85
CA LEU B 250 -15.28 -31.54 -9.18
C LEU B 250 -15.08 -32.78 -10.06
N GLN B 251 -13.95 -33.45 -9.84
CA GLN B 251 -13.59 -34.65 -10.57
C GLN B 251 -13.10 -35.69 -9.57
N GLY B 252 -13.96 -36.03 -8.62
CA GLY B 252 -13.59 -37.00 -7.61
C GLY B 252 -13.55 -36.46 -6.20
N GLU B 253 -13.04 -35.25 -6.01
CA GLU B 253 -12.96 -34.66 -4.67
C GLU B 253 -14.29 -34.73 -3.96
N TYR B 254 -14.03 -34.89 -2.59
CA TYR B 254 -15.23 -35.04 -1.77
C TYR B 254 -16.11 -36.14 -2.33
N GLY B 255 -15.73 -37.19 -3.30
CA GLY B 255 -16.47 -38.30 -3.89
C GLY B 255 -17.57 -37.92 -4.87
N TYR B 256 -17.42 -36.78 -5.38
CA TYR B 256 -18.38 -36.26 -6.38
C TYR B 256 -17.64 -35.95 -7.66
N ASN B 257 -18.37 -35.75 -8.73
CA ASN B 257 -17.74 -35.41 -10.01
C ASN B 257 -18.79 -34.92 -10.98
N ASP B 258 -18.37 -34.44 -12.07
CA ASP B 258 -19.42 -33.95 -13.00
C ASP B 258 -20.44 -33.18 -12.22
N ILE B 259 -19.89 -32.03 -11.47
CA ILE B 259 -20.70 -31.01 -10.73
C ILE B 259 -19.78 -29.92 -10.17
N VAL B 260 -20.37 -28.77 -9.84
CA VAL B 260 -19.63 -27.65 -9.30
C VAL B 260 -20.00 -27.43 -7.84
N ALA B 261 -19.00 -27.19 -6.99
CA ALA B 261 -19.24 -26.95 -5.56
C ALA B 261 -18.22 -25.97 -4.93
N GLU B 262 -18.64 -25.35 -3.84
CA GLU B 262 -17.80 -24.40 -3.10
C GLU B 262 -16.89 -25.20 -2.17
N VAL B 263 -15.63 -25.39 -2.57
CA VAL B 263 -14.66 -26.15 -1.79
C VAL B 263 -13.33 -25.40 -1.65
N PRO B 264 -12.50 -25.75 -0.64
CA PRO B 264 -11.20 -25.12 -0.40
C PRO B 264 -10.16 -25.59 -1.44
N ALA B 265 -9.34 -24.68 -1.93
CA ALA B 265 -8.35 -25.04 -2.92
C ALA B 265 -7.13 -24.15 -2.90
N VAL B 266 -6.01 -24.74 -3.31
CA VAL B 266 -4.72 -24.06 -3.39
C VAL B 266 -4.73 -23.28 -4.71
N ILE B 267 -4.56 -21.96 -4.63
CA ILE B 267 -4.57 -21.13 -5.82
C ILE B 267 -3.15 -20.66 -6.11
N GLY B 268 -2.73 -20.77 -7.37
CA GLY B 268 -1.37 -20.37 -7.76
C GLY B 268 -1.31 -19.66 -9.11
N LYS B 269 -0.10 -19.55 -9.66
CA LYS B 269 0.13 -18.85 -10.92
C LYS B 269 -0.55 -19.44 -12.15
N SER B 270 -0.82 -20.73 -12.14
CA SER B 270 -1.44 -21.37 -13.28
C SER B 270 -2.86 -21.84 -12.93
N GLY B 271 -3.46 -21.28 -11.85
CA GLY B 271 -4.82 -21.65 -11.50
C GLY B 271 -4.97 -22.48 -10.26
N ILE B 272 -5.76 -23.54 -10.35
CA ILE B 272 -5.95 -24.41 -9.17
C ILE B 272 -4.92 -25.52 -9.27
N GLU B 273 -4.31 -25.78 -8.09
CA GLU B 273 -3.30 -26.88 -8.12
C GLU B 273 -3.90 -28.17 -7.64
N ARG B 274 -4.73 -28.02 -6.53
CA ARG B 274 -5.31 -29.19 -5.92
C ARG B 274 -6.43 -28.74 -4.98
N ILE B 275 -7.48 -29.55 -4.83
CA ILE B 275 -8.60 -29.22 -3.95
C ILE B 275 -8.42 -29.86 -2.59
N ILE B 276 -8.58 -29.10 -1.51
CA ILE B 276 -8.41 -29.69 -0.19
C ILE B 276 -9.72 -30.30 0.30
N GLU B 277 -9.61 -31.48 0.90
CA GLU B 277 -10.76 -32.18 1.44
C GLU B 277 -10.77 -32.13 2.96
N LEU B 278 -11.67 -31.35 3.52
CA LEU B 278 -11.75 -31.22 4.97
C LEU B 278 -12.33 -32.48 5.64
N PRO B 279 -11.79 -32.86 6.81
CA PRO B 279 -12.30 -34.05 7.52
C PRO B 279 -13.70 -33.72 8.01
N LEU B 280 -14.68 -34.46 7.51
CA LEU B 280 -16.09 -34.23 7.81
C LEU B 280 -16.84 -35.29 8.62
N THR B 281 -17.77 -34.84 9.43
CA THR B 281 -18.58 -35.74 10.23
C THR B 281 -19.81 -36.15 9.43
N GLU B 282 -20.56 -37.11 9.97
CA GLU B 282 -21.77 -37.59 9.31
C GLU B 282 -22.69 -36.44 8.93
N ASP B 283 -22.82 -35.42 9.80
CA ASP B 283 -23.73 -34.30 9.67
C ASP B 283 -23.29 -33.34 8.60
N GLU B 284 -22.07 -33.10 8.73
CA GLU B 284 -21.44 -32.18 7.79
C GLU B 284 -21.41 -32.75 6.38
N LYS B 285 -21.28 -34.08 6.30
CA LYS B 285 -21.27 -34.77 5.03
C LYS B 285 -22.67 -34.68 4.42
N ARG B 286 -23.69 -34.67 5.26
CA ARG B 286 -25.07 -34.58 4.81
C ARG B 286 -25.32 -33.19 4.25
N LYS B 287 -24.78 -32.18 4.91
CA LYS B 287 -24.96 -30.81 4.46
C LYS B 287 -24.24 -30.55 3.13
N PHE B 288 -23.10 -31.19 2.91
CA PHE B 288 -22.37 -30.99 1.67
C PHE B 288 -23.15 -31.66 0.54
N ASP B 289 -23.65 -32.85 0.83
CA ASP B 289 -24.42 -33.64 -0.11
C ASP B 289 -25.64 -32.86 -0.57
N GLU B 290 -26.24 -32.12 0.35
CA GLU B 290 -27.41 -31.32 0.04
C GLU B 290 -27.01 -30.13 -0.83
N ALA B 291 -25.84 -29.55 -0.54
CA ALA B 291 -25.35 -28.43 -1.32
C ALA B 291 -25.16 -28.86 -2.77
N VAL B 292 -24.63 -30.06 -2.96
CA VAL B 292 -24.38 -30.59 -4.31
C VAL B 292 -25.68 -30.79 -5.08
N GLN B 293 -26.76 -31.07 -4.36
CA GLN B 293 -28.06 -31.29 -4.97
C GLN B 293 -28.70 -30.01 -5.44
N ALA B 294 -28.37 -28.91 -4.76
CA ALA B 294 -28.91 -27.61 -5.10
C ALA B 294 -28.30 -27.16 -6.42
N VAL B 295 -27.01 -27.40 -6.60
CA VAL B 295 -26.34 -27.00 -7.82
C VAL B 295 -26.80 -27.90 -8.97
N LYS B 296 -26.96 -29.18 -8.68
CA LYS B 296 -27.43 -30.15 -9.68
C LYS B 296 -28.78 -29.69 -10.18
N LYS B 297 -29.64 -29.29 -9.24
CA LYS B 297 -30.98 -28.80 -9.56
C LYS B 297 -30.90 -27.56 -10.44
N LEU B 298 -29.98 -26.51 -10.21
CA LEU B 298 -29.73 -25.30 -10.99
C LEU B 298 -29.28 -25.61 -12.41
N VAL B 299 -28.33 -26.64 -12.44
CA VAL B 299 -27.79 -26.99 -13.75
C VAL B 299 -28.87 -27.62 -14.64
N GLU B 300 -29.61 -28.56 -14.08
CA GLU B 300 -30.68 -29.23 -14.80
C GLU B 300 -31.75 -28.24 -15.27
N THR B 301 -32.00 -27.23 -14.45
CA THR B 301 -33.02 -26.24 -14.79
C THR B 301 -32.67 -25.41 -16.01
N LEU B 302 -31.38 -25.52 -16.60
CA LEU B 302 -30.96 -24.85 -17.82
C LEU B 302 -31.28 -25.64 -19.08
N PRO B 303 -31.22 -24.96 -20.20
CA PRO B 303 -31.53 -25.62 -21.46
C PRO B 303 -30.32 -26.49 -21.89
N PRO B 304 -30.57 -27.69 -22.43
CA PRO B 304 -29.47 -28.57 -22.85
C PRO B 304 -28.42 -27.84 -23.68
N GLN B 305 -28.86 -26.81 -24.39
CA GLN B 305 -27.99 -26.01 -25.23
C GLN B 305 -26.90 -25.34 -24.40
N LEU B 306 -27.30 -24.78 -23.26
CA LEU B 306 -26.37 -24.06 -22.39
C LEU B 306 -25.59 -24.93 -21.41
N ARG B 307 -26.00 -26.18 -21.24
CA ARG B 307 -25.29 -27.05 -20.31
C ARG B 307 -24.72 -28.27 -21.03
N GLU B 308 -25.19 -28.52 -22.25
CA GLU B 308 -24.76 -29.66 -23.09
C GLU B 308 -25.74 -30.82 -22.99
N MET C 1 -12.96 10.43 12.62
CA MET C 1 -13.57 9.85 11.43
C MET C 1 -13.88 10.85 10.32
N ILE C 2 -13.89 10.34 9.10
CA ILE C 2 -14.17 11.13 7.92
C ILE C 2 -15.61 10.85 7.52
N THR C 3 -16.40 11.91 7.36
CA THR C 3 -17.79 11.75 6.94
C THR C 3 -17.94 12.07 5.46
N ILE C 4 -18.81 11.31 4.81
CA ILE C 4 -19.10 11.50 3.40
C ILE C 4 -20.60 11.77 3.25
N LEU C 5 -20.91 12.88 2.60
CA LEU C 5 -22.30 13.27 2.37
C LEU C 5 -22.58 13.08 0.89
N GLY C 6 -23.46 11.92 0.70
CA GLY C 6 -23.70 11.83 -0.72
C GLY C 6 -24.36 10.51 -1.09
N ALA C 7 -23.62 9.45 -0.75
CA ALA C 7 -24.06 8.07 -1.11
C ALA C 7 -24.55 7.99 -2.56
N GLY C 8 -23.79 8.68 -3.59
CA GLY C 8 -24.02 8.53 -5.01
C GLY C 8 -22.73 8.07 -5.65
N LYS C 9 -22.62 8.23 -6.96
CA LYS C 9 -21.42 7.80 -7.67
C LYS C 9 -20.07 8.32 -7.19
N VAL C 10 -20.06 9.53 -7.18
CA VAL C 10 -18.79 10.06 -6.74
C VAL C 10 -18.54 9.81 -5.23
N GLY C 11 -19.54 9.69 -4.47
CA GLY C 11 -19.49 9.43 -3.04
C GLY C 11 -19.03 8.02 -2.71
N MET C 12 -19.50 7.06 -3.51
CA MET C 12 -19.12 5.67 -3.31
C MET C 12 -17.71 5.37 -3.82
N ALA C 13 -17.33 6.06 -4.89
CA ALA C 13 -15.99 5.90 -5.45
C ALA C 13 -15.00 6.34 -4.38
N THR C 14 -15.34 7.41 -3.69
CA THR C 14 -14.51 7.99 -2.64
C THR C 14 -14.46 7.03 -1.47
N ALA C 15 -15.61 6.47 -1.13
CA ALA C 15 -15.70 5.52 -0.01
C ALA C 15 -14.84 4.30 -0.30
N VAL C 16 -14.94 3.78 -1.52
CA VAL C 16 -14.15 2.62 -1.90
C VAL C 16 -12.67 2.90 -1.80
N MET C 17 -12.24 4.02 -2.37
CA MET C 17 -10.83 4.36 -2.35
C MET C 17 -10.28 4.65 -0.95
N LEU C 18 -11.10 5.25 -0.09
CA LEU C 18 -10.68 5.57 1.28
C LEU C 18 -10.64 4.34 2.18
N MET C 19 -11.44 3.33 1.85
CA MET C 19 -11.44 2.10 2.63
C MET C 19 -10.13 1.37 2.33
N MET C 20 -9.71 1.41 1.07
CA MET C 20 -8.48 0.77 0.59
C MET C 20 -7.25 1.28 1.34
N ARG C 21 -7.20 2.59 1.56
CA ARG C 21 -6.09 3.23 2.25
C ARG C 21 -6.16 3.04 3.76
N GLY C 22 -7.36 3.08 4.32
CA GLY C 22 -7.50 2.89 5.75
C GLY C 22 -6.96 4.01 6.61
N TYR C 23 -7.19 5.25 6.19
CA TYR C 23 -6.73 6.42 6.93
C TYR C 23 -7.52 6.63 8.21
N ASP C 24 -8.81 6.30 8.17
CA ASP C 24 -9.66 6.53 9.31
C ASP C 24 -10.98 5.80 9.13
N ASP C 25 -11.87 5.89 10.12
CA ASP C 25 -13.17 5.27 10.01
C ASP C 25 -13.97 6.21 9.13
N LEU C 26 -14.88 5.69 8.32
CA LEU C 26 -15.67 6.59 7.51
C LEU C 26 -17.17 6.39 7.72
N LEU C 27 -17.90 7.49 7.63
CA LEU C 27 -19.34 7.49 7.82
C LEU C 27 -20.03 7.93 6.54
N LEU C 28 -21.03 7.16 6.14
CA LEU C 28 -21.82 7.45 4.96
C LEU C 28 -23.14 8.03 5.41
N ILE C 29 -23.49 9.18 4.86
CA ILE C 29 -24.74 9.84 5.20
C ILE C 29 -25.44 10.34 3.93
N ALA C 30 -26.77 9.85 3.77
CA ALA C 30 -27.56 10.32 2.64
C ALA C 30 -29.03 10.28 3.04
N ARG C 31 -29.82 11.14 2.42
CA ARG C 31 -31.24 11.28 2.70
C ARG C 31 -32.08 10.05 2.36
N THR C 32 -31.83 9.47 1.19
CA THR C 32 -32.58 8.29 0.76
C THR C 32 -32.50 7.09 1.75
N PRO C 33 -33.74 6.81 2.35
CA PRO C 33 -33.89 5.77 3.38
C PRO C 33 -33.22 4.45 3.01
N GLY C 34 -32.35 3.97 3.89
CA GLY C 34 -31.68 2.70 3.68
C GLY C 34 -30.58 2.63 2.65
N LYS C 35 -30.45 3.66 1.81
CA LYS C 35 -29.43 3.71 0.77
C LYS C 35 -28.02 3.68 1.35
N PRO C 36 -27.70 4.63 2.24
CA PRO C 36 -26.35 4.62 2.82
C PRO C 36 -26.08 3.38 3.67
N GLN C 37 -27.10 2.92 4.41
CA GLN C 37 -26.93 1.73 5.24
C GLN C 37 -26.62 0.51 4.40
N GLY C 38 -27.30 0.38 3.27
CA GLY C 38 -27.09 -0.76 2.40
C GLY C 38 -25.72 -0.74 1.76
N GLU C 39 -25.24 0.36 1.32
CA GLU C 39 -23.91 0.48 0.73
C GLU C 39 -22.76 0.38 1.72
N ALA C 40 -23.06 0.77 2.89
CA ALA C 40 -22.02 0.64 3.91
C ALA C 40 -21.82 -0.84 4.23
N LEU C 41 -22.90 -1.62 4.17
CA LEU C 41 -22.79 -3.03 4.49
C LEU C 41 -21.95 -3.77 3.47
N ASP C 42 -22.20 -3.48 2.19
CA ASP C 42 -21.46 -4.11 1.10
C ASP C 42 -20.01 -3.64 1.17
N LEU C 43 -19.81 -2.36 1.48
CA LEU C 43 -18.47 -1.84 1.57
C LEU C 43 -17.72 -2.43 2.76
N ALA C 44 -18.47 -2.79 3.80
CA ALA C 44 -17.86 -3.40 4.98
C ALA C 44 -17.41 -4.83 4.67
N HIS C 45 -18.20 -5.55 3.85
CA HIS C 45 -17.85 -6.92 3.49
C HIS C 45 -16.57 -6.92 2.66
N ALA C 46 -16.37 -5.86 1.86
CA ALA C 46 -15.17 -5.74 1.05
C ALA C 46 -13.95 -5.56 1.96
N ALA C 47 -14.03 -4.60 2.90
CA ALA C 47 -12.93 -4.34 3.84
C ALA C 47 -12.54 -5.60 4.61
N ALA C 48 -13.53 -6.45 4.85
CA ALA C 48 -13.32 -7.70 5.60
C ALA C 48 -12.48 -8.71 4.81
N GLU C 49 -12.58 -8.65 3.49
CA GLU C 49 -11.83 -9.54 2.60
C GLU C 49 -10.42 -9.00 2.43
N LEU C 50 -10.33 -7.67 2.38
CA LEU C 50 -9.07 -6.98 2.22
C LEU C 50 -8.34 -6.88 3.55
N GLY C 51 -9.06 -7.16 4.63
CA GLY C 51 -8.46 -7.10 5.95
C GLY C 51 -8.24 -5.70 6.49
N VAL C 52 -9.02 -4.72 6.02
CA VAL C 52 -8.89 -3.33 6.50
C VAL C 52 -9.83 -3.07 7.71
N ASP C 53 -9.24 -3.18 8.90
CA ASP C 53 -9.86 -3.01 10.21
C ASP C 53 -10.54 -1.67 10.53
N ILE C 54 -10.76 -0.83 9.56
CA ILE C 54 -11.42 0.44 9.85
C ILE C 54 -12.92 0.20 10.04
N ARG C 55 -13.74 1.03 10.92
CA ARG C 55 -15.19 0.92 11.09
C ARG C 55 -15.82 1.68 9.92
N ILE C 56 -16.75 1.13 9.29
CA ILE C 56 -17.49 1.67 8.15
C ILE C 56 -18.99 1.58 8.40
N SER C 57 -19.69 2.71 8.37
CA SER C 57 -21.13 2.67 8.59
C SER C 57 -21.91 3.72 7.81
N GLY C 58 -23.23 3.55 7.77
CA GLY C 58 -24.08 4.50 7.06
C GLY C 58 -25.23 5.00 7.93
N SER C 59 -25.81 6.12 7.54
CA SER C 59 -26.91 6.70 8.31
C SER C 59 -27.74 7.69 7.48
N ASN C 60 -28.94 7.98 7.97
CA ASN C 60 -29.82 8.94 7.31
C ASN C 60 -29.92 10.10 8.27
N SER C 61 -29.22 9.98 9.40
CA SER C 61 -29.24 11.00 10.43
C SER C 61 -28.01 11.92 10.35
N TYR C 62 -28.20 13.15 9.90
CA TYR C 62 -27.10 14.09 9.77
C TYR C 62 -26.36 14.40 11.05
N GLU C 63 -27.03 14.27 12.19
CA GLU C 63 -26.39 14.57 13.46
C GLU C 63 -25.34 13.54 13.84
N ASP C 64 -25.25 12.46 13.06
CA ASP C 64 -24.26 11.43 13.32
C ASP C 64 -22.87 11.88 12.87
N MET C 65 -22.80 12.98 12.12
CA MET C 65 -21.52 13.48 11.64
C MET C 65 -20.83 14.24 12.76
N ARG C 66 -21.48 14.25 13.92
CA ARG C 66 -20.97 14.91 15.12
C ARG C 66 -19.62 14.32 15.50
N GLY C 67 -18.59 15.17 15.49
CA GLY C 67 -17.24 14.73 15.83
C GLY C 67 -16.35 14.37 14.65
N SER C 68 -16.59 14.98 13.50
CA SER C 68 -15.78 14.69 12.30
C SER C 68 -14.70 15.71 11.99
N ASP C 69 -13.51 15.20 11.67
CA ASP C 69 -12.37 16.04 11.33
C ASP C 69 -12.51 16.64 9.94
N ILE C 70 -12.99 15.81 9.01
CA ILE C 70 -13.15 16.20 7.62
C ILE C 70 -14.53 15.76 7.14
N VAL C 71 -15.24 16.64 6.45
CA VAL C 71 -16.56 16.31 5.91
C VAL C 71 -16.50 16.51 4.40
N LEU C 72 -16.45 15.39 3.68
CA LEU C 72 -16.38 15.42 2.22
C LEU C 72 -17.76 15.55 1.61
N VAL C 73 -18.01 16.69 0.98
CA VAL C 73 -19.32 16.95 0.38
C VAL C 73 -19.39 16.53 -1.08
N THR C 74 -20.08 15.43 -1.35
CA THR C 74 -20.19 14.96 -2.72
C THR C 74 -21.64 14.86 -3.14
N ALA C 75 -22.56 15.22 -2.25
CA ALA C 75 -23.99 15.08 -2.47
C ALA C 75 -24.64 15.87 -3.60
N GLY C 76 -23.89 16.34 -4.58
CA GLY C 76 -24.55 17.07 -5.65
C GLY C 76 -25.26 16.16 -6.65
N ILE C 77 -25.82 16.74 -7.72
CA ILE C 77 -26.48 15.98 -8.76
C ILE C 77 -25.56 16.06 -9.98
N GLY C 78 -25.39 14.94 -10.68
CA GLY C 78 -24.48 14.91 -11.82
C GLY C 78 -24.95 15.42 -13.17
N ARG C 79 -24.20 15.05 -14.21
CA ARG C 79 -24.46 15.44 -15.60
C ARG C 79 -25.24 14.31 -16.28
N LYS C 80 -25.75 14.57 -17.48
CA LYS C 80 -26.51 13.56 -18.20
C LYS C 80 -26.53 13.88 -19.70
N LEU C 89 -28.66 22.41 -13.29
CA LEU C 89 -27.52 21.88 -12.55
C LEU C 89 -27.26 22.76 -11.33
N GLU C 90 -27.50 24.06 -11.47
CA GLU C 90 -27.29 24.95 -10.33
C GLU C 90 -28.39 24.79 -9.29
N ALA C 91 -29.02 23.62 -9.32
CA ALA C 91 -30.07 23.22 -8.38
C ALA C 91 -29.30 22.59 -7.22
N ASN C 92 -27.99 22.52 -7.41
CA ASN C 92 -27.07 21.97 -6.43
C ASN C 92 -26.77 23.07 -5.41
N ALA C 93 -27.24 24.29 -5.69
CA ALA C 93 -27.05 25.39 -4.77
C ALA C 93 -27.98 25.20 -3.57
N ASN C 94 -29.18 24.69 -3.83
CA ASN C 94 -30.13 24.45 -2.75
C ASN C 94 -29.68 23.33 -1.83
N THR C 95 -29.13 22.26 -2.41
CA THR C 95 -28.68 21.16 -1.57
C THR C 95 -27.45 21.57 -0.78
N MET C 96 -26.68 22.52 -1.33
CA MET C 96 -25.52 23.02 -0.64
C MET C 96 -26.04 23.85 0.52
N ALA C 97 -27.05 24.68 0.23
CA ALA C 97 -27.65 25.53 1.25
C ALA C 97 -28.31 24.69 2.34
N ASP C 98 -28.94 23.57 1.95
CA ASP C 98 -29.59 22.71 2.94
C ASP C 98 -28.53 21.95 3.73
N LEU C 99 -27.50 21.34 3.26
CA LEU C 99 -26.34 20.69 3.87
C LEU C 99 -25.51 21.69 4.72
N ALA C 100 -25.51 23.03 4.19
CA ALA C 100 -24.77 24.06 4.92
C ALA C 100 -25.25 24.32 6.35
N GLU C 101 -26.52 24.05 6.64
CA GLU C 101 -27.04 24.27 7.98
C GLU C 101 -26.81 23.06 8.88
N LYS C 102 -26.65 21.90 8.26
CA LYS C 102 -26.43 20.65 9.00
C LYS C 102 -25.01 20.51 9.53
N ILE C 103 -24.02 20.83 8.70
CA ILE C 103 -22.64 20.70 9.15
C ILE C 103 -22.31 21.89 10.05
N LYS C 104 -23.10 22.95 9.92
CA LYS C 104 -22.92 24.15 10.73
C LYS C 104 -23.40 23.88 12.15
N ALA C 105 -24.24 22.86 12.29
CA ALA C 105 -24.81 22.49 13.58
C ALA C 105 -24.16 21.26 14.20
N TYR C 106 -23.59 20.40 13.35
CA TYR C 106 -22.96 19.18 13.83
C TYR C 106 -21.47 19.00 13.53
N ALA C 107 -20.88 19.92 12.78
CA ALA C 107 -19.46 19.82 12.43
C ALA C 107 -18.83 21.20 12.27
N LYS C 108 -19.14 22.10 13.20
CA LYS C 108 -18.66 23.49 13.15
C LYS C 108 -17.14 23.70 13.12
N ASP C 109 -16.37 22.69 13.52
CA ASP C 109 -14.91 22.81 13.54
C ASP C 109 -14.23 21.84 12.59
N ALA C 110 -14.95 21.40 11.56
CA ALA C 110 -14.40 20.46 10.59
C ALA C 110 -13.96 21.13 9.29
N ILE C 111 -13.09 20.48 8.54
CA ILE C 111 -12.66 21.02 7.26
C ILE C 111 -13.67 20.44 6.25
N VAL C 112 -14.27 21.19 5.27
CA VAL C 112 -15.20 20.64 4.28
C VAL C 112 -14.65 20.86 2.86
N VAL C 113 -14.61 19.78 2.08
CA VAL C 113 -14.13 19.88 0.71
C VAL C 113 -15.33 19.53 -0.15
N ILE C 114 -15.80 20.33 -1.11
CA ILE C 114 -16.97 20.22 -2.00
C ILE C 114 -16.50 19.60 -3.32
N THR C 115 -17.11 18.51 -3.70
CA THR C 115 -16.99 17.78 -4.97
C THR C 115 -18.12 18.03 -5.93
N THR C 116 -19.26 18.88 -5.60
CA THR C 116 -20.40 19.28 -6.43
C THR C 116 -20.04 20.37 -7.43
N ASN C 117 -20.60 20.29 -8.65
CA ASN C 117 -20.34 21.27 -9.69
C ASN C 117 -21.58 22.09 -10.01
N PRO C 118 -21.39 23.37 -10.37
CA PRO C 118 -20.10 24.05 -10.52
C PRO C 118 -19.48 24.24 -9.13
N VAL C 119 -18.30 23.67 -8.93
CA VAL C 119 -17.62 23.74 -7.63
C VAL C 119 -17.23 25.15 -7.18
N ASP C 120 -16.80 26.00 -8.11
CA ASP C 120 -16.42 27.36 -7.72
C ASP C 120 -17.65 28.11 -7.22
N ALA C 121 -18.80 27.81 -7.84
CA ALA C 121 -20.06 28.43 -7.46
C ALA C 121 -20.53 27.80 -6.15
N MET C 122 -20.47 26.45 -6.10
CA MET C 122 -20.92 25.71 -4.93
C MET C 122 -20.10 26.08 -3.71
N THR C 123 -18.81 26.20 -3.85
CA THR C 123 -17.91 26.59 -2.76
C THR C 123 -18.28 27.98 -2.23
N TYR C 124 -18.72 28.86 -3.12
CA TYR C 124 -19.12 30.21 -2.74
C TYR C 124 -20.35 30.17 -1.83
N VAL C 125 -21.30 29.32 -2.19
CA VAL C 125 -22.53 29.17 -1.42
C VAL C 125 -22.31 28.50 -0.07
N MET C 126 -21.46 27.48 -0.07
CA MET C 126 -21.17 26.76 1.17
C MET C 126 -20.45 27.67 2.15
N TYR C 127 -19.50 28.46 1.64
CA TYR C 127 -18.75 29.39 2.47
C TYR C 127 -19.66 30.39 3.18
N LYS C 128 -20.54 31.02 2.39
CA LYS C 128 -21.50 32.02 2.89
C LYS C 128 -22.58 31.49 3.84
N LYS C 129 -23.04 30.27 3.60
CA LYS C 129 -24.09 29.69 4.45
C LYS C 129 -23.56 29.02 5.72
N THR C 130 -22.32 28.59 5.71
CA THR C 130 -21.74 27.94 6.87
C THR C 130 -21.18 29.00 7.83
N GLY C 131 -20.69 30.11 7.25
CA GLY C 131 -20.13 31.17 8.05
C GLY C 131 -18.79 30.72 8.60
N PHE C 132 -18.24 29.69 7.97
CA PHE C 132 -16.96 29.08 8.32
C PHE C 132 -15.81 29.91 7.76
N PRO C 133 -14.64 29.85 8.42
CA PRO C 133 -13.50 30.62 7.90
C PRO C 133 -13.07 30.04 6.54
N ARG C 134 -12.70 30.93 5.61
CA ARG C 134 -12.31 30.52 4.26
C ARG C 134 -11.32 29.35 4.21
N GLU C 135 -10.47 29.22 5.22
CA GLU C 135 -9.49 28.14 5.21
C GLU C 135 -10.09 26.75 5.44
N ARG C 136 -11.35 26.68 5.89
CA ARG C 136 -11.97 25.38 6.12
C ARG C 136 -13.09 25.05 5.13
N VAL C 137 -13.20 25.85 4.07
CA VAL C 137 -14.19 25.62 3.03
C VAL C 137 -13.35 25.43 1.76
N ILE C 138 -13.20 24.18 1.34
CA ILE C 138 -12.37 23.88 0.16
C ILE C 138 -13.09 23.29 -1.05
N GLY C 139 -12.85 23.89 -2.21
CA GLY C 139 -13.46 23.41 -3.44
C GLY C 139 -12.47 22.57 -4.23
N PHE C 140 -12.88 21.33 -4.60
CA PHE C 140 -11.96 20.44 -5.33
C PHE C 140 -11.94 20.74 -6.81
N SER C 141 -10.93 21.51 -7.25
CA SER C 141 -10.81 21.81 -8.67
C SER C 141 -9.49 21.38 -9.29
N GLY C 142 -8.33 22.09 -8.88
CA GLY C 142 -7.02 21.97 -9.46
C GLY C 142 -6.43 20.61 -9.59
N ILE C 143 -6.41 19.85 -8.51
CA ILE C 143 -5.71 18.57 -8.52
C ILE C 143 -6.14 17.76 -9.75
N LEU C 144 -7.43 17.81 -10.09
CA LEU C 144 -7.97 17.06 -11.23
C LEU C 144 -7.58 17.62 -12.60
N ASP C 145 -7.69 18.94 -12.75
CA ASP C 145 -7.33 19.58 -14.02
C ASP C 145 -5.85 19.35 -14.25
N SER C 146 -5.07 19.43 -13.17
CA SER C 146 -3.64 19.23 -13.32
C SER C 146 -3.28 17.83 -13.80
N ALA C 147 -3.87 16.81 -13.16
CA ALA C 147 -3.62 15.41 -13.50
C ALA C 147 -4.02 15.10 -14.94
N ARG C 148 -5.17 15.62 -15.34
CA ARG C 148 -5.69 15.43 -16.68
C ARG C 148 -4.70 16.01 -17.68
N MET C 149 -4.17 17.19 -17.38
CA MET C 149 -3.21 17.80 -18.29
C MET C 149 -1.96 16.92 -18.34
N ALA C 150 -1.59 16.38 -17.19
CA ALA C 150 -0.42 15.51 -17.11
C ALA C 150 -0.66 14.30 -18.02
N TYR C 151 -1.86 13.74 -17.91
CA TYR C 151 -2.25 12.59 -18.69
C TYR C 151 -2.24 12.80 -20.21
N TYR C 152 -2.71 13.95 -20.68
CA TYR C 152 -2.71 14.17 -22.12
C TYR C 152 -1.31 14.43 -22.66
N ILE C 153 -0.52 15.20 -21.91
CA ILE C 153 0.84 15.49 -22.34
C ILE C 153 1.56 14.15 -22.46
N SER C 154 1.54 13.38 -21.37
CA SER C 154 2.20 12.08 -21.32
C SER C 154 1.83 11.17 -22.48
N GLN C 155 0.54 11.07 -22.79
CA GLN C 155 0.08 10.21 -23.89
C GLN C 155 0.71 10.65 -25.20
N LYS C 156 0.84 11.95 -25.39
CA LYS C 156 1.42 12.47 -26.61
C LYS C 156 2.95 12.32 -26.64
N LEU C 157 3.65 12.69 -25.57
CA LEU C 157 5.12 12.57 -25.53
C LEU C 157 5.63 11.16 -25.21
N GLY C 158 4.74 10.24 -24.85
CA GLY C 158 5.16 8.90 -24.54
C GLY C 158 5.91 8.72 -23.23
N VAL C 159 5.61 9.55 -22.23
CA VAL C 159 6.27 9.43 -20.94
C VAL C 159 5.26 9.34 -19.82
N SER C 160 5.69 8.80 -18.68
CA SER C 160 4.82 8.67 -17.53
C SER C 160 4.30 10.04 -17.11
N PHE C 161 3.08 10.08 -16.56
CA PHE C 161 2.54 11.34 -16.10
C PHE C 161 3.17 11.75 -14.77
N LYS C 162 3.82 10.78 -14.12
CA LYS C 162 4.49 11.07 -12.84
C LYS C 162 5.63 12.07 -13.06
N SER C 163 6.03 12.21 -14.32
CA SER C 163 7.14 13.11 -14.64
C SER C 163 6.73 14.41 -15.25
N VAL C 164 5.44 14.71 -15.23
CA VAL C 164 4.94 15.96 -15.79
C VAL C 164 4.55 16.91 -14.67
N ASN C 165 4.96 18.17 -14.75
CA ASN C 165 4.59 19.14 -13.74
C ASN C 165 3.65 20.10 -14.47
N ALA C 166 2.33 19.91 -14.29
CA ALA C 166 1.34 20.74 -14.95
C ALA C 166 0.73 21.78 -14.01
N ILE C 167 0.87 23.04 -14.40
CA ILE C 167 0.34 24.14 -13.63
C ILE C 167 -0.95 24.59 -14.29
N VAL C 168 -1.98 24.86 -13.48
CA VAL C 168 -3.30 25.30 -13.95
C VAL C 168 -3.89 26.34 -13.00
N LEU C 169 -4.75 27.21 -13.52
CA LEU C 169 -5.38 28.27 -12.74
C LEU C 169 -6.71 28.66 -13.36
N GLY C 170 -7.40 29.60 -12.69
CA GLY C 170 -8.67 30.10 -13.19
C GLY C 170 -9.87 29.63 -12.37
N MET C 171 -10.57 28.64 -12.92
CA MET C 171 -11.73 28.04 -12.27
C MET C 171 -11.92 26.65 -12.87
N HIS C 172 -12.89 25.90 -12.34
CA HIS C 172 -13.15 24.54 -12.81
C HIS C 172 -14.26 24.52 -13.86
N GLY C 173 -13.91 24.83 -15.10
CA GLY C 173 -14.90 24.83 -16.16
C GLY C 173 -14.36 25.27 -17.51
N GLN C 174 -15.26 25.79 -18.34
CA GLN C 174 -14.90 26.25 -19.67
C GLN C 174 -13.68 27.18 -19.70
N LYS C 175 -13.63 28.14 -18.78
CA LYS C 175 -12.54 29.09 -18.73
C LYS C 175 -11.30 28.68 -17.91
N MET C 176 -11.16 27.39 -17.63
CA MET C 176 -10.00 26.92 -16.87
C MET C 176 -8.82 27.03 -17.83
N PHE C 177 -7.73 27.65 -17.40
CA PHE C 177 -6.60 27.78 -18.30
C PHE C 177 -5.28 27.28 -17.70
N PRO C 178 -4.58 26.40 -18.44
CA PRO C 178 -3.31 25.89 -17.96
C PRO C 178 -2.22 26.91 -18.30
N VAL C 179 -1.16 26.92 -17.50
CA VAL C 179 -0.04 27.84 -17.67
C VAL C 179 1.19 27.06 -18.14
N PRO C 180 1.34 26.83 -19.46
CA PRO C 180 2.48 26.09 -20.00
C PRO C 180 3.84 26.64 -19.58
N ARG C 181 4.03 27.94 -19.71
CA ARG C 181 5.28 28.58 -19.36
C ARG C 181 5.84 28.09 -18.03
N LEU C 182 4.99 27.57 -17.16
CA LEU C 182 5.43 27.07 -15.86
C LEU C 182 5.36 25.53 -15.73
N SER C 183 5.01 24.86 -16.82
CA SER C 183 4.91 23.42 -16.84
C SER C 183 6.11 22.78 -17.54
N SER C 184 6.49 21.60 -17.07
CA SER C 184 7.62 20.91 -17.66
C SER C 184 7.48 19.41 -17.56
N VAL C 185 8.41 18.71 -18.21
CA VAL C 185 8.45 17.27 -18.25
C VAL C 185 9.87 16.82 -17.97
N GLY C 186 10.07 16.14 -16.84
CA GLY C 186 11.38 15.65 -16.49
C GLY C 186 12.40 16.77 -16.48
N GLY C 187 11.96 17.97 -16.11
CA GLY C 187 12.86 19.09 -16.06
C GLY C 187 12.75 20.01 -17.25
N VAL C 188 12.53 19.44 -18.44
CA VAL C 188 12.43 20.22 -19.68
C VAL C 188 11.19 21.10 -19.77
N PRO C 189 11.36 22.38 -20.14
CA PRO C 189 10.16 23.22 -20.22
C PRO C 189 9.16 22.67 -21.27
N LEU C 190 7.86 22.69 -20.94
CA LEU C 190 6.84 22.18 -21.87
C LEU C 190 6.91 22.84 -23.24
N GLU C 191 7.00 24.15 -23.27
CA GLU C 191 7.07 24.88 -24.54
C GLU C 191 8.26 24.52 -25.41
N HIS C 192 9.19 23.75 -24.84
CA HIS C 192 10.38 23.33 -25.55
C HIS C 192 10.25 21.92 -26.13
N LEU C 193 9.14 21.26 -25.85
CA LEU C 193 8.92 19.90 -26.33
C LEU C 193 7.80 19.82 -27.36
N MET C 194 6.81 20.70 -27.22
CA MET C 194 5.67 20.71 -28.12
C MET C 194 5.47 22.03 -28.83
N SER C 195 5.09 21.96 -30.10
CA SER C 195 4.83 23.15 -30.89
C SER C 195 3.56 23.79 -30.30
N LYS C 196 3.22 25.03 -30.50
CA LYS C 196 1.97 25.74 -30.12
C LYS C 196 0.74 24.99 -30.52
N GLU C 197 0.72 24.30 -31.62
CA GLU C 197 -0.44 23.47 -32.01
C GLU C 197 -0.73 22.37 -31.02
N GLU C 198 0.36 21.57 -30.77
CA GLU C 198 0.31 20.45 -29.84
C GLU C 198 -0.09 20.87 -28.43
N ILE C 199 0.32 22.07 -28.02
CA ILE C 199 -0.01 22.58 -26.70
C ILE C 199 -1.49 22.95 -26.64
N GLU C 200 -2.00 23.56 -27.70
CA GLU C 200 -3.41 23.96 -27.74
C GLU C 200 -4.33 22.76 -27.89
N GLU C 201 -3.75 21.62 -28.27
CA GLU C 201 -4.50 20.39 -28.44
C GLU C 201 -4.66 19.75 -27.08
N VAL C 202 -3.56 19.70 -26.33
CA VAL C 202 -3.61 19.12 -25.00
C VAL C 202 -4.48 19.97 -24.09
N VAL C 203 -4.50 21.27 -24.33
CA VAL C 203 -5.31 22.16 -23.50
C VAL C 203 -6.80 21.93 -23.79
N SER C 204 -7.27 21.53 -25.08
CA SER C 204 -8.66 21.24 -25.43
C SER C 204 -9.09 19.96 -24.78
N GLU C 205 -8.17 19.05 -24.93
CA GLU C 205 -8.50 17.74 -24.39
C GLU C 205 -8.70 17.84 -22.86
N THR C 206 -7.87 18.65 -22.22
CA THR C 206 -7.91 18.84 -20.78
C THR C 206 -9.14 19.61 -20.34
N VAL C 207 -9.45 20.68 -21.04
CA VAL C 207 -10.60 21.51 -20.72
C VAL C 207 -11.91 20.74 -20.96
N ASN C 208 -11.96 19.99 -22.06
CA ASN C 208 -13.15 19.24 -22.42
C ASN C 208 -13.17 17.76 -21.99
N ALA C 209 -12.20 17.36 -21.18
CA ALA C 209 -12.15 16.00 -20.72
C ALA C 209 -13.43 15.60 -19.99
N GLY C 210 -13.84 16.40 -19.01
CA GLY C 210 -15.04 16.08 -18.25
C GLY C 210 -16.30 15.85 -19.07
N ALA C 211 -16.51 16.68 -20.09
CA ALA C 211 -17.68 16.60 -20.97
C ALA C 211 -17.59 15.36 -21.85
N LYS C 212 -16.31 15.06 -22.26
CA LYS C 212 -16.12 13.91 -23.12
C LYS C 212 -16.59 12.61 -22.52
N ILE C 213 -16.37 12.43 -21.23
CA ILE C 213 -16.75 11.16 -20.57
C ILE C 213 -18.24 11.00 -20.43
N THR C 214 -18.63 12.20 -20.12
CA THR C 214 -20.09 12.17 -19.99
C THR C 214 -20.63 11.69 -21.34
N GLU C 215 -20.17 12.35 -22.40
CA GLU C 215 -20.54 12.03 -23.78
C GLU C 215 -20.42 10.52 -24.02
N LEU C 216 -19.29 9.94 -23.62
CA LEU C 216 -19.01 8.52 -23.79
C LEU C 216 -19.80 7.53 -22.93
N ARG C 217 -19.55 7.53 -21.63
CA ARG C 217 -20.22 6.59 -20.72
C ARG C 217 -21.64 6.97 -20.29
N GLY C 218 -22.04 8.22 -20.46
CA GLY C 218 -23.38 8.62 -20.07
C GLY C 218 -23.55 9.42 -18.80
N TYR C 219 -22.51 9.53 -17.99
CA TYR C 219 -22.62 10.31 -16.76
C TYR C 219 -21.31 10.98 -16.36
N SER C 220 -21.01 12.11 -16.06
CA SER C 220 -19.93 12.90 -15.54
C SER C 220 -19.04 12.14 -14.57
N SER C 221 -17.85 12.66 -14.45
CA SER C 221 -16.75 12.13 -13.65
C SER C 221 -17.15 11.79 -12.25
N ASN C 222 -16.49 10.67 -11.75
CA ASN C 222 -16.60 10.31 -10.34
C ASN C 222 -15.32 9.72 -9.76
N TYR C 223 -14.57 8.98 -10.59
CA TYR C 223 -13.31 8.40 -10.09
C TYR C 223 -12.30 9.54 -9.90
N GLY C 224 -12.25 10.47 -10.85
CA GLY C 224 -11.34 11.60 -10.74
C GLY C 224 -11.51 12.37 -9.43
N PRO C 225 -12.70 12.98 -9.21
CA PRO C 225 -12.89 13.72 -7.96
C PRO C 225 -12.63 12.82 -6.75
N ALA C 226 -12.98 11.55 -6.87
CA ALA C 226 -12.80 10.59 -5.77
C ALA C 226 -11.32 10.47 -5.40
N ALA C 227 -10.51 10.16 -6.41
CA ALA C 227 -9.07 10.00 -6.25
C ALA C 227 -8.39 11.31 -5.85
N GLY C 228 -9.05 12.43 -6.12
CA GLY C 228 -8.49 13.71 -5.74
C GLY C 228 -8.80 13.95 -4.27
N LEU C 229 -9.91 13.38 -3.80
CA LEU C 229 -10.32 13.53 -2.40
C LEU C 229 -9.41 12.71 -1.49
N VAL C 230 -8.90 11.59 -2.01
CA VAL C 230 -8.00 10.75 -1.26
C VAL C 230 -6.74 11.56 -0.96
N LEU C 231 -6.19 12.20 -1.98
CA LEU C 231 -4.99 13.01 -1.80
C LEU C 231 -5.23 14.09 -0.76
N THR C 232 -6.35 14.79 -0.92
CA THR C 232 -6.73 15.86 -0.01
C THR C 232 -6.82 15.38 1.44
N VAL C 233 -7.42 14.21 1.65
CA VAL C 233 -7.53 13.65 2.99
C VAL C 233 -6.12 13.35 3.53
N GLU C 234 -5.34 12.61 2.76
CA GLU C 234 -3.98 12.27 3.16
C GLU C 234 -3.14 13.53 3.47
N ALA C 235 -3.39 14.61 2.73
CA ALA C 235 -2.65 15.87 2.95
C ALA C 235 -3.01 16.56 4.27
N ILE C 236 -4.27 16.45 4.69
CA ILE C 236 -4.76 17.04 5.92
C ILE C 236 -4.28 16.21 7.11
N LYS C 237 -4.49 14.90 7.04
CA LYS C 237 -4.10 13.98 8.10
C LYS C 237 -2.60 14.02 8.46
N ARG C 238 -1.75 14.24 7.48
CA ARG C 238 -0.31 14.33 7.76
C ARG C 238 0.13 15.74 8.10
N ASP C 239 -0.76 16.74 8.04
CA ASP C 239 -0.23 18.10 8.24
C ASP C 239 1.00 18.33 7.42
N SER C 240 0.96 17.78 6.19
CA SER C 240 1.99 17.79 5.22
C SER C 240 2.47 19.12 4.73
N LYS C 241 1.92 20.23 4.59
CA LYS C 241 2.32 21.54 4.07
C LYS C 241 2.49 21.45 2.58
N ARG C 242 1.63 20.64 1.93
CA ARG C 242 1.63 20.46 0.50
C ARG C 242 1.04 21.63 -0.29
N ILE C 243 1.44 21.80 -1.59
CA ILE C 243 0.89 22.88 -2.40
C ILE C 243 0.03 22.26 -3.49
N TYR C 244 -1.28 22.48 -3.41
CA TYR C 244 -2.21 21.97 -4.43
C TYR C 244 -3.12 23.11 -4.84
N PRO C 245 -3.64 23.08 -6.07
CA PRO C 245 -4.54 24.14 -6.55
C PRO C 245 -5.99 23.78 -6.18
N TYR C 246 -6.67 24.65 -5.43
CA TYR C 246 -8.05 24.41 -5.00
C TYR C 246 -8.94 25.61 -5.34
N SER C 247 -10.26 25.43 -5.27
CA SER C 247 -11.19 26.54 -5.53
C SER C 247 -11.46 27.17 -4.17
N LEU C 248 -10.91 28.35 -3.95
CA LEU C 248 -11.05 29.02 -2.67
C LEU C 248 -11.60 30.44 -2.73
N TYR C 249 -12.15 30.88 -1.61
CA TYR C 249 -12.70 32.22 -1.52
C TYR C 249 -11.57 33.25 -1.42
N LEU C 250 -11.50 34.16 -2.39
CA LEU C 250 -10.45 35.16 -2.43
C LEU C 250 -10.70 36.43 -1.59
N GLN C 251 -9.65 36.85 -0.89
CA GLN C 251 -9.67 38.05 -0.06
C GLN C 251 -8.41 38.86 -0.35
N GLY C 252 -8.31 39.32 -1.59
CA GLY C 252 -7.15 40.10 -1.97
C GLY C 252 -6.18 39.36 -2.88
N GLU C 253 -5.92 38.09 -2.57
CA GLU C 253 -4.99 37.28 -3.37
C GLU C 253 -5.26 37.41 -4.86
N TYR C 254 -4.42 37.45 -5.65
CA TYR C 254 -4.45 37.61 -7.10
C TYR C 254 -5.20 38.87 -7.52
N GLY C 255 -5.26 39.83 -6.50
CA GLY C 255 -5.95 41.07 -6.78
C GLY C 255 -7.46 41.09 -6.65
N TYR C 256 -8.08 39.97 -6.27
CA TYR C 256 -9.54 39.91 -6.15
C TYR C 256 -10.04 39.48 -4.77
N ASN C 257 -11.21 39.71 -4.51
CA ASN C 257 -11.86 39.32 -3.27
C ASN C 257 -13.34 39.15 -3.47
N ASP C 258 -14.06 38.69 -2.45
CA ASP C 258 -15.51 38.52 -2.60
C ASP C 258 -15.82 37.74 -3.84
N ILE C 259 -14.90 36.59 -4.09
CA ILE C 259 -15.13 35.71 -5.22
C ILE C 259 -14.32 34.43 -5.02
N VAL C 260 -14.59 33.43 -5.86
CA VAL C 260 -13.90 32.16 -5.77
C VAL C 260 -13.10 31.87 -7.04
N ALA C 261 -11.95 31.24 -6.89
CA ALA C 261 -11.10 30.90 -8.01
C ALA C 261 -10.24 29.68 -7.71
N GLU C 262 -9.73 29.06 -8.78
CA GLU C 262 -8.87 27.89 -8.69
C GLU C 262 -7.42 28.39 -8.62
N VAL C 263 -6.83 28.28 -7.44
CA VAL C 263 -5.47 28.75 -7.22
C VAL C 263 -4.65 27.78 -6.37
N PRO C 264 -3.31 27.89 -6.43
CA PRO C 264 -2.36 27.04 -5.68
C PRO C 264 -2.45 27.41 -4.20
N ALA C 265 -2.30 26.43 -3.33
CA ALA C 265 -2.38 26.72 -1.90
C ALA C 265 -1.73 25.64 -1.06
N VAL C 266 -1.29 26.01 0.14
CA VAL C 266 -0.65 25.09 1.07
C VAL C 266 -1.74 24.60 2.02
N ILE C 267 -2.09 23.32 1.94
CA ILE C 267 -3.12 22.78 2.83
C ILE C 267 -2.47 22.02 3.98
N GLY C 268 -3.11 22.06 5.14
CA GLY C 268 -2.56 21.39 6.30
C GLY C 268 -3.58 20.65 7.16
N LYS C 269 -3.20 20.38 8.40
CA LYS C 269 -4.07 19.66 9.32
C LYS C 269 -5.25 20.52 9.77
N SER C 270 -5.15 21.82 9.53
CA SER C 270 -6.21 22.75 9.91
C SER C 270 -6.79 23.46 8.68
N GLY C 271 -6.48 22.96 7.50
CA GLY C 271 -7.00 23.55 6.28
C GLY C 271 -5.99 24.30 5.44
N ILE C 272 -6.48 25.31 4.72
CA ILE C 272 -5.62 26.12 3.87
C ILE C 272 -4.78 27.04 4.76
N GLU C 273 -3.48 27.03 4.57
CA GLU C 273 -2.61 27.87 5.38
C GLU C 273 -2.35 29.22 4.71
N ARG C 274 -2.26 29.20 3.39
CA ARG C 274 -2.02 30.43 2.65
C ARG C 274 -2.15 30.18 1.16
N ILE C 275 -2.53 31.22 0.41
CA ILE C 275 -2.68 31.10 -1.04
C ILE C 275 -1.40 31.55 -1.72
N ILE C 276 -0.92 30.79 -2.69
CA ILE C 276 0.30 31.16 -3.38
C ILE C 276 0.01 32.00 -4.63
N GLU C 277 0.78 33.11 -4.94
CA GLU C 277 0.56 33.95 -6.10
C GLU C 277 1.67 33.69 -7.11
N LEU C 278 1.37 32.89 -8.12
CA LEU C 278 2.31 32.60 -9.18
C LEU C 278 2.65 33.87 -9.96
N PRO C 279 3.91 34.00 -10.41
CA PRO C 279 4.33 35.18 -11.18
C PRO C 279 3.81 35.04 -12.61
N LEU C 280 2.74 35.79 -12.91
CA LEU C 280 2.09 35.74 -14.22
C LEU C 280 2.44 36.93 -15.13
N THR C 281 2.37 36.69 -16.45
CA THR C 281 2.64 37.74 -17.43
C THR C 281 1.28 38.38 -17.71
N GLU C 282 1.26 39.50 -18.44
CA GLU C 282 -0.01 40.19 -18.73
C GLU C 282 -1.07 39.26 -19.30
N ASP C 283 -0.69 38.41 -20.26
CA ASP C 283 -1.64 37.50 -20.88
C ASP C 283 -2.31 36.53 -19.92
N GLU C 284 -1.51 35.91 -19.07
CA GLU C 284 -2.00 34.94 -18.11
C GLU C 284 -2.86 35.65 -17.09
N LYS C 285 -2.59 37.08 -16.90
CA LYS C 285 -3.46 37.72 -15.89
C LYS C 285 -4.78 38.06 -16.57
N ARG C 286 -4.62 38.14 -17.90
CA ARG C 286 -5.85 38.39 -18.69
C ARG C 286 -6.75 37.21 -18.59
N LYS C 287 -6.06 35.99 -18.75
CA LYS C 287 -6.82 34.75 -18.81
C LYS C 287 -7.33 34.31 -17.45
N PHE C 288 -6.73 34.84 -16.39
CA PHE C 288 -7.14 34.55 -15.02
C PHE C 288 -8.31 35.46 -14.70
N ASP C 289 -8.35 36.60 -15.37
CA ASP C 289 -9.41 37.55 -15.13
C ASP C 289 -10.67 37.07 -15.84
N GLU C 290 -10.49 36.35 -16.95
CA GLU C 290 -11.63 35.82 -17.67
C GLU C 290 -12.33 34.79 -16.79
N ALA C 291 -11.51 33.99 -16.11
CA ALA C 291 -12.01 32.94 -15.23
C ALA C 291 -12.79 33.53 -14.06
N VAL C 292 -12.22 34.55 -13.42
CA VAL C 292 -12.88 35.20 -12.31
C VAL C 292 -14.25 35.71 -12.74
N GLN C 293 -14.33 36.18 -13.97
CA GLN C 293 -15.58 36.69 -14.51
C GLN C 293 -16.55 35.56 -14.79
N ALA C 294 -16.01 34.44 -15.27
CA ALA C 294 -16.84 33.29 -15.56
C ALA C 294 -17.56 32.87 -14.28
N VAL C 295 -16.81 32.77 -13.20
CA VAL C 295 -17.39 32.41 -11.90
C VAL C 295 -18.38 33.49 -11.48
N LYS C 296 -18.06 34.73 -11.85
CA LYS C 296 -18.90 35.91 -11.61
C LYS C 296 -20.32 35.75 -12.06
N LYS C 297 -20.32 35.12 -13.23
CA LYS C 297 -21.65 34.88 -13.84
C LYS C 297 -22.49 33.92 -13.06
N LEU C 298 -21.86 32.70 -12.92
CA LEU C 298 -22.60 31.63 -12.26
C LEU C 298 -23.18 32.07 -10.91
N VAL C 299 -22.43 32.86 -10.16
CA VAL C 299 -22.88 33.36 -8.86
C VAL C 299 -24.05 34.32 -9.00
N GLU C 300 -24.03 35.13 -10.07
CA GLU C 300 -25.07 36.11 -10.33
C GLU C 300 -26.38 35.47 -10.78
N THR C 301 -26.29 34.27 -11.35
CA THR C 301 -27.46 33.55 -11.81
C THR C 301 -28.18 33.02 -10.58
N LEU C 302 -27.42 32.80 -9.51
CA LEU C 302 -27.97 32.31 -8.27
C LEU C 302 -28.95 33.32 -7.68
N PRO C 303 -30.03 32.84 -7.05
CA PRO C 303 -30.99 33.77 -6.45
C PRO C 303 -30.35 34.45 -5.24
N PRO C 304 -30.70 35.74 -4.98
CA PRO C 304 -30.13 36.47 -3.85
C PRO C 304 -30.11 35.70 -2.54
N GLN C 305 -31.17 34.92 -2.28
CA GLN C 305 -31.25 34.14 -1.06
C GLN C 305 -30.02 33.26 -0.86
N LEU C 306 -29.61 32.57 -1.93
CA LEU C 306 -28.45 31.68 -1.89
C LEU C 306 -27.12 32.42 -1.91
N ARG C 307 -27.15 33.71 -2.21
CA ARG C 307 -25.94 34.53 -2.23
C ARG C 307 -25.74 35.03 -0.80
N MET D 1 2.56 10.96 17.82
CA MET D 1 3.79 10.56 17.14
C MET D 1 4.36 9.32 17.81
N ILE D 2 5.04 8.50 17.03
CA ILE D 2 5.64 7.27 17.53
C ILE D 2 7.11 7.47 17.90
N THR D 3 7.44 7.26 19.16
CA THR D 3 8.83 7.43 19.59
C THR D 3 9.56 6.09 19.70
N ILE D 4 10.70 5.97 19.03
CA ILE D 4 11.50 4.75 19.10
C ILE D 4 12.72 5.03 20.00
N LEU D 5 12.86 4.24 21.07
CA LEU D 5 13.99 4.37 21.99
C LEU D 5 15.00 3.29 21.67
N GLY D 6 16.10 3.64 21.02
CA GLY D 6 17.06 2.60 20.70
C GLY D 6 18.06 2.92 19.61
N ALA D 7 17.60 3.22 18.39
CA ALA D 7 18.52 3.54 17.30
C ALA D 7 19.51 2.41 17.01
N GLY D 8 19.22 1.22 17.54
CA GLY D 8 20.07 0.09 17.28
C GLY D 8 19.59 -0.60 16.02
N LYS D 9 19.93 -1.88 15.88
CA LYS D 9 19.56 -2.66 14.71
C LYS D 9 18.07 -3.03 14.60
N VAL D 10 17.29 -3.27 15.66
CA VAL D 10 15.84 -3.47 15.53
C VAL D 10 15.08 -2.12 15.45
N GLY D 11 15.76 -1.31 16.21
CA GLY D 11 15.11 0.00 16.23
C GLY D 11 15.19 0.67 14.88
N MET D 12 16.30 0.45 14.19
CA MET D 12 16.51 1.01 12.86
C MET D 12 15.74 0.22 11.83
N ALA D 13 15.51 -1.06 12.08
CA ALA D 13 14.75 -1.86 11.14
C ALA D 13 13.27 -1.48 11.28
N THR D 14 12.87 -1.07 12.49
CA THR D 14 11.51 -0.66 12.78
C THR D 14 11.19 0.68 12.13
N ALA D 15 12.11 1.62 12.29
CA ALA D 15 11.95 2.96 11.74
C ALA D 15 11.74 2.91 10.23
N VAL D 16 12.53 2.08 9.54
CA VAL D 16 12.39 1.92 8.10
C VAL D 16 11.01 1.37 7.74
N MET D 17 10.61 0.30 8.41
CA MET D 17 9.31 -0.29 8.12
C MET D 17 8.18 0.67 8.44
N LEU D 18 8.29 1.37 9.57
CA LEU D 18 7.28 2.33 10.00
C LEU D 18 7.20 3.57 9.11
N MET D 19 8.31 3.88 8.45
CA MET D 19 8.39 5.02 7.56
C MET D 19 7.67 4.68 6.25
N MET D 20 7.85 3.46 5.77
CA MET D 20 7.21 3.01 4.54
C MET D 20 5.70 3.10 4.64
N ARG D 21 5.05 2.64 5.64
CA ARG D 21 3.61 2.71 5.77
C ARG D 21 3.12 4.10 6.19
N GLY D 22 3.87 4.99 6.59
CA GLY D 22 3.34 6.34 6.76
C GLY D 22 2.39 6.59 7.94
N TYR D 23 2.19 5.60 8.80
CA TYR D 23 1.28 5.76 9.93
C TYR D 23 1.37 7.06 10.71
N ASP D 24 2.57 7.52 11.03
CA ASP D 24 2.69 8.73 11.84
C ASP D 24 4.12 9.25 11.86
N ASP D 25 4.20 10.42 12.48
CA ASP D 25 5.52 10.98 12.57
C ASP D 25 6.35 10.14 13.50
N LEU D 26 7.58 9.81 13.05
CA LEU D 26 8.41 9.06 14.03
C LEU D 26 9.57 9.82 14.58
N LEU D 27 10.02 9.48 15.78
CA LEU D 27 11.02 10.15 16.58
C LEU D 27 12.11 9.19 17.09
N LEU D 28 13.38 9.29 16.77
CA LEU D 28 14.43 8.40 17.20
C LEU D 28 15.13 9.02 18.41
N ILE D 29 15.26 8.27 19.50
CA ILE D 29 15.97 8.77 20.68
C ILE D 29 16.96 7.69 21.09
N ALA D 30 18.20 8.10 21.32
CA ALA D 30 19.24 7.17 21.74
C ALA D 30 20.29 7.95 22.52
N ARG D 31 20.97 7.25 23.43
CA ARG D 31 21.99 7.84 24.29
C ARG D 31 23.21 8.36 23.55
N THR D 32 23.73 7.58 22.62
CA THR D 32 24.92 7.98 21.86
C THR D 32 24.68 9.29 21.12
N PRO D 33 25.55 10.29 21.33
CA PRO D 33 25.38 11.56 20.64
C PRO D 33 25.70 11.47 19.15
N GLY D 34 24.82 12.03 18.32
CA GLY D 34 25.02 12.03 16.89
C GLY D 34 24.35 10.92 16.08
N LYS D 35 24.41 9.71 16.62
CA LYS D 35 23.85 8.54 15.97
C LYS D 35 22.38 8.71 15.57
N PRO D 36 21.49 8.99 16.54
CA PRO D 36 20.09 9.16 16.16
C PRO D 36 19.82 10.26 15.13
N GLN D 37 20.56 11.36 15.24
CA GLN D 37 20.43 12.47 14.33
C GLN D 37 20.82 12.06 12.92
N GLY D 38 22.02 11.51 12.80
CA GLY D 38 22.51 11.05 11.51
C GLY D 38 21.63 9.98 10.88
N GLU D 39 20.95 9.12 11.44
CA GLU D 39 20.05 8.11 10.89
C GLU D 39 18.65 8.62 10.55
N ALA D 40 18.26 9.60 11.40
CA ALA D 40 16.98 10.19 11.06
C ALA D 40 17.17 10.90 9.73
N LEU D 41 18.31 11.56 9.60
CA LEU D 41 18.64 12.31 8.40
C LEU D 41 18.67 11.45 7.14
N ASP D 42 19.29 10.28 7.22
CA ASP D 42 19.35 9.41 6.06
C ASP D 42 17.92 8.92 5.80
N LEU D 43 17.25 8.50 6.87
CA LEU D 43 15.87 8.02 6.76
C LEU D 43 14.90 9.05 6.15
N ALA D 44 15.14 10.33 6.42
CA ALA D 44 14.29 11.39 5.87
C ALA D 44 14.50 11.55 4.35
N HIS D 45 15.73 11.38 3.88
CA HIS D 45 16.04 11.49 2.45
C HIS D 45 15.34 10.37 1.71
N ALA D 46 15.35 9.19 2.32
CA ALA D 46 14.69 8.03 1.74
C ALA D 46 13.19 8.34 1.69
N ALA D 47 12.69 9.02 2.71
CA ALA D 47 11.27 9.37 2.75
C ALA D 47 10.88 10.34 1.64
N ALA D 48 11.79 11.23 1.26
CA ALA D 48 11.55 12.20 0.19
C ALA D 48 11.53 11.51 -1.17
N GLU D 49 12.36 10.47 -1.33
CA GLU D 49 12.43 9.73 -2.59
C GLU D 49 11.16 8.91 -2.82
N LEU D 50 10.52 8.51 -1.74
CA LEU D 50 9.31 7.70 -1.81
C LEU D 50 8.06 8.55 -1.77
N GLY D 51 8.18 9.79 -1.28
CA GLY D 51 7.01 10.64 -1.25
C GLY D 51 6.17 10.61 0.02
N VAL D 52 6.74 10.12 1.12
CA VAL D 52 6.03 10.06 2.40
C VAL D 52 6.35 11.31 3.23
N ASP D 53 5.40 12.27 3.26
CA ASP D 53 5.56 13.53 4.00
C ASP D 53 5.57 13.38 5.51
N ILE D 54 5.81 12.20 6.06
CA ILE D 54 5.82 12.13 7.52
C ILE D 54 7.03 12.91 7.97
N ARG D 55 7.12 13.23 9.25
CA ARG D 55 8.22 14.00 9.89
C ARG D 55 9.07 12.99 10.69
N ILE D 56 10.36 13.04 10.45
CA ILE D 56 11.36 12.07 10.97
C ILE D 56 12.41 12.83 11.73
N SER D 57 12.52 12.63 13.04
CA SER D 57 13.63 13.30 13.75
C SER D 57 14.55 12.33 14.47
N GLY D 58 15.73 12.85 15.08
CA GLY D 58 16.63 12.09 15.91
C GLY D 58 16.96 12.91 17.15
N SER D 59 17.25 12.27 18.26
CA SER D 59 17.52 13.03 19.45
C SER D 59 18.25 12.22 20.54
N ASN D 60 18.91 12.95 21.43
CA ASN D 60 19.68 12.36 22.54
C ASN D 60 19.02 12.81 23.82
N SER D 61 17.99 13.64 23.65
CA SER D 61 17.21 14.22 24.72
C SER D 61 15.90 13.44 24.90
N TYR D 62 15.73 12.79 26.04
CA TYR D 62 14.53 12.00 26.32
C TYR D 62 13.24 12.79 26.59
N GLU D 63 13.38 14.07 26.90
CA GLU D 63 12.20 14.89 27.17
C GLU D 63 11.42 15.20 25.89
N ASP D 64 12.04 14.92 24.74
CA ASP D 64 11.41 15.16 23.45
C ASP D 64 10.25 14.20 23.18
N MET D 65 10.18 13.10 23.94
CA MET D 65 9.12 12.11 23.75
C MET D 65 7.82 12.49 24.42
N ARG D 66 7.64 13.73 25.11
CA ARG D 66 6.39 14.23 25.64
C ARG D 66 5.34 14.35 24.56
N GLY D 67 4.24 13.61 24.74
CA GLY D 67 3.14 13.74 23.77
C GLY D 67 3.16 12.60 22.79
N SER D 68 3.97 11.52 23.19
CA SER D 68 3.92 10.38 22.36
C SER D 68 2.83 9.45 22.88
N ASP D 69 2.03 8.90 21.98
CA ASP D 69 0.98 8.02 22.39
C ASP D 69 1.47 6.58 22.40
N ILE D 70 2.62 6.37 21.75
CA ILE D 70 3.24 5.05 21.68
C ILE D 70 4.75 5.14 21.72
N VAL D 71 5.35 4.38 22.64
CA VAL D 71 6.81 4.34 22.78
C VAL D 71 7.25 2.90 22.51
N LEU D 72 8.16 2.73 21.55
CA LEU D 72 8.67 1.41 21.21
C LEU D 72 10.07 1.27 21.78
N VAL D 73 10.22 0.43 22.78
CA VAL D 73 11.51 0.23 23.42
C VAL D 73 12.25 -0.91 22.72
N THR D 74 13.26 -0.38 21.99
CA THR D 74 14.04 -1.38 21.23
C THR D 74 15.48 -1.29 21.68
N ALA D 75 15.63 -0.70 22.88
CA ALA D 75 16.97 -0.42 23.37
C ALA D 75 17.87 -1.57 23.67
N GLY D 76 17.37 -2.63 24.31
CA GLY D 76 18.30 -3.71 24.71
C GLY D 76 19.33 -4.02 23.63
N ILE D 77 20.33 -4.62 24.27
CA ILE D 77 21.49 -5.18 23.58
C ILE D 77 21.28 -6.69 23.55
N GLY D 78 21.29 -7.25 22.35
CA GLY D 78 21.08 -8.68 22.21
C GLY D 78 22.39 -9.42 22.01
N LEU D 88 24.10 -10.50 29.70
CA LEU D 88 22.98 -10.00 28.85
C LEU D 88 21.84 -9.61 29.77
N LEU D 89 21.36 -10.61 30.48
CA LEU D 89 20.26 -10.47 31.44
C LEU D 89 20.36 -9.31 32.43
N GLU D 90 21.43 -9.25 33.22
CA GLU D 90 21.59 -8.18 34.22
C GLU D 90 21.84 -6.85 33.52
N ALA D 91 22.37 -6.84 32.38
CA ALA D 91 22.67 -5.65 31.58
C ALA D 91 21.37 -5.07 31.01
N ASN D 92 20.65 -5.86 30.22
CA ASN D 92 19.40 -5.38 29.65
C ASN D 92 18.40 -5.02 30.73
N ALA D 93 18.62 -5.57 31.91
CA ALA D 93 17.75 -5.29 33.05
C ALA D 93 18.03 -3.86 33.53
N ASN D 94 19.31 -3.49 33.58
CA ASN D 94 19.70 -2.16 33.99
C ASN D 94 19.25 -1.14 32.97
N THR D 95 19.39 -1.48 31.70
CA THR D 95 18.96 -0.57 30.63
C THR D 95 17.46 -0.31 30.80
N MET D 96 16.66 -1.41 31.11
CA MET D 96 15.20 -1.28 31.30
C MET D 96 14.87 -0.38 32.49
N ALA D 97 15.65 -0.60 33.52
CA ALA D 97 15.62 0.17 34.78
C ALA D 97 15.79 1.67 34.52
N ASP D 98 16.69 2.00 33.63
CA ASP D 98 17.03 3.36 33.30
C ASP D 98 15.97 4.08 32.55
N LEU D 99 15.71 3.37 31.42
CA LEU D 99 14.73 3.90 30.47
C LEU D 99 13.36 4.09 31.08
N ALA D 100 13.01 3.20 31.98
CA ALA D 100 11.76 3.23 32.78
C ALA D 100 11.51 4.51 33.55
N GLU D 101 12.57 5.13 34.02
CA GLU D 101 12.47 6.41 34.70
C GLU D 101 12.18 7.54 33.72
N LYS D 102 12.73 7.43 32.51
CA LYS D 102 12.51 8.46 31.49
C LYS D 102 11.10 8.41 30.93
N ILE D 103 10.56 7.20 30.77
CA ILE D 103 9.21 6.99 30.24
C ILE D 103 8.20 7.44 31.30
N LYS D 104 8.51 7.09 32.55
CA LYS D 104 7.67 7.42 33.68
C LYS D 104 7.51 8.94 33.84
N ALA D 105 8.55 9.67 33.47
CA ALA D 105 8.60 11.14 33.56
C ALA D 105 8.08 11.91 32.35
N TYR D 106 8.24 11.37 31.15
CA TYR D 106 7.80 12.08 29.96
C TYR D 106 6.70 11.42 29.11
N ALA D 107 6.33 10.19 29.45
CA ALA D 107 5.30 9.51 28.67
C ALA D 107 4.36 8.63 29.48
N LYS D 108 3.75 9.20 30.51
CA LYS D 108 2.84 8.45 31.38
C LYS D 108 1.56 7.99 30.68
N ASP D 109 1.14 8.73 29.66
CA ASP D 109 -0.07 8.45 28.91
C ASP D 109 0.07 7.42 27.78
N ALA D 110 1.30 7.17 27.36
CA ALA D 110 1.57 6.28 26.24
C ALA D 110 1.55 4.77 26.46
N ILE D 111 1.50 4.04 25.35
CA ILE D 111 1.53 2.58 25.40
C ILE D 111 2.99 2.23 25.12
N VAL D 112 3.75 1.61 26.01
CA VAL D 112 5.10 1.20 25.68
C VAL D 112 5.12 -0.25 25.24
N VAL D 113 5.82 -0.58 24.30
CA VAL D 113 5.97 -1.95 23.80
C VAL D 113 7.45 -2.31 23.85
N ILE D 114 7.79 -3.29 24.64
CA ILE D 114 9.21 -3.66 24.72
C ILE D 114 9.55 -4.76 23.72
N THR D 115 10.74 -4.70 23.15
CA THR D 115 11.20 -5.74 22.21
C THR D 115 12.42 -6.42 22.86
N THR D 116 13.12 -5.67 23.70
CA THR D 116 14.30 -6.17 24.39
C THR D 116 14.14 -7.56 24.98
N ASN D 117 15.16 -8.40 24.79
CA ASN D 117 15.16 -9.79 25.28
C ASN D 117 16.09 -10.00 26.47
N PRO D 118 15.72 -10.92 27.39
CA PRO D 118 14.50 -11.73 27.40
C PRO D 118 13.22 -10.91 27.64
N VAL D 119 12.39 -10.77 26.62
CA VAL D 119 11.17 -9.96 26.71
C VAL D 119 10.33 -10.14 27.99
N ASP D 120 10.04 -11.38 28.33
CA ASP D 120 9.24 -11.68 29.51
C ASP D 120 9.83 -11.07 30.77
N ALA D 121 11.11 -11.31 31.01
CA ALA D 121 11.77 -10.75 32.17
C ALA D 121 11.81 -9.22 32.06
N MET D 122 12.12 -8.71 30.87
CA MET D 122 12.21 -7.28 30.66
C MET D 122 10.86 -6.61 30.86
N THR D 123 9.81 -7.26 30.39
CA THR D 123 8.46 -6.73 30.56
C THR D 123 8.17 -6.64 32.05
N TYR D 124 8.60 -7.39 32.87
CA TYR D 124 8.38 -7.41 34.31
C TYR D 124 9.12 -6.23 34.93
N VAL D 125 10.40 -6.08 34.61
CA VAL D 125 11.15 -4.96 35.18
C VAL D 125 10.54 -3.62 34.82
N MET D 126 10.14 -3.49 33.56
CA MET D 126 9.56 -2.26 33.04
C MET D 126 8.21 -1.94 33.70
N TYR D 127 7.46 -2.99 34.02
CA TYR D 127 6.16 -2.87 34.66
C TYR D 127 6.37 -2.35 36.09
N LYS D 128 7.17 -3.08 36.86
CA LYS D 128 7.49 -2.72 38.25
C LYS D 128 8.06 -1.32 38.40
N LYS D 129 9.01 -0.98 37.54
CA LYS D 129 9.67 0.32 37.58
C LYS D 129 8.88 1.51 37.06
N THR D 130 8.07 1.31 36.01
CA THR D 130 7.29 2.43 35.48
C THR D 130 6.07 2.71 36.36
N GLY D 131 5.48 1.67 36.91
CA GLY D 131 4.30 1.85 37.74
C GLY D 131 3.06 1.98 36.87
N PHE D 132 3.25 1.90 35.55
CA PHE D 132 2.14 2.00 34.58
C PHE D 132 1.12 0.89 34.76
N PRO D 133 -0.12 1.12 34.29
CA PRO D 133 -1.12 0.06 34.44
C PRO D 133 -0.82 -1.07 33.44
N ARG D 134 -1.17 -2.27 34.10
CA ARG D 134 -0.93 -3.57 33.40
C ARG D 134 -1.16 -3.68 31.99
N GLU D 135 -2.06 -2.97 31.37
CA GLU D 135 -2.52 -2.93 29.98
C GLU D 135 -1.73 -2.01 29.06
N ARG D 136 -0.78 -1.26 29.60
CA ARG D 136 -0.01 -0.38 28.74
C ARG D 136 1.47 -0.71 28.72
N VAL D 137 1.83 -1.86 29.27
CA VAL D 137 3.22 -2.28 29.25
C VAL D 137 3.20 -3.64 28.53
N ILE D 138 3.29 -3.57 27.21
CA ILE D 138 3.24 -4.77 26.35
C ILE D 138 4.61 -5.31 25.91
N GLY D 139 4.84 -6.59 26.14
CA GLY D 139 6.10 -7.17 25.71
C GLY D 139 5.89 -7.89 24.38
N PHE D 140 6.71 -7.58 23.39
CA PHE D 140 6.60 -8.21 22.06
C PHE D 140 7.22 -9.61 22.03
N SER D 141 6.50 -10.63 21.63
CA SER D 141 7.00 -11.99 21.60
C SER D 141 6.15 -12.93 20.76
N GLY D 142 4.87 -12.99 21.02
CA GLY D 142 3.94 -13.88 20.36
C GLY D 142 3.74 -13.78 18.86
N ILE D 143 3.51 -12.63 18.40
CA ILE D 143 3.33 -12.39 16.99
C ILE D 143 4.43 -13.06 16.15
N LEU D 144 5.56 -12.98 16.74
CA LEU D 144 6.76 -13.43 16.08
C LEU D 144 6.86 -14.96 16.08
N ASP D 145 6.54 -15.58 17.21
CA ASP D 145 6.56 -17.03 17.31
C ASP D 145 5.57 -17.63 16.34
N SER D 146 4.38 -17.05 16.31
CA SER D 146 3.35 -17.57 15.43
C SER D 146 3.77 -17.49 13.96
N ALA D 147 4.33 -16.34 13.57
CA ALA D 147 4.76 -16.14 12.19
C ALA D 147 5.83 -17.16 11.80
N ARG D 148 6.77 -17.41 12.70
CA ARG D 148 7.82 -18.39 12.43
C ARG D 148 7.19 -19.78 12.29
N MET D 149 6.42 -20.20 13.28
CA MET D 149 5.80 -21.52 13.16
C MET D 149 5.03 -21.61 11.85
N ALA D 150 4.19 -20.60 11.56
CA ALA D 150 3.43 -20.59 10.31
C ALA D 150 4.41 -20.69 9.14
N TYR D 151 5.52 -19.99 9.26
CA TYR D 151 6.50 -20.03 8.20
C TYR D 151 7.04 -21.44 8.01
N TYR D 152 7.47 -22.09 9.09
CA TYR D 152 8.01 -23.44 8.95
C TYR D 152 7.00 -24.47 8.46
N ILE D 153 5.75 -24.39 8.95
CA ILE D 153 4.70 -25.30 8.52
C ILE D 153 4.48 -25.19 7.01
N SER D 154 4.44 -23.98 6.49
CA SER D 154 4.17 -23.79 5.06
C SER D 154 5.31 -24.18 4.12
N GLN D 155 6.55 -24.14 4.61
CA GLN D 155 7.70 -24.51 3.79
C GLN D 155 7.63 -25.99 3.56
N LYS D 156 7.07 -26.70 4.53
CA LYS D 156 6.94 -28.15 4.45
C LYS D 156 5.72 -28.65 3.67
N LEU D 157 4.59 -27.93 3.74
CA LEU D 157 3.37 -28.31 3.04
C LEU D 157 3.21 -27.66 1.68
N GLY D 158 4.13 -26.80 1.33
CA GLY D 158 4.04 -26.13 0.04
C GLY D 158 2.79 -25.27 -0.16
N VAL D 159 2.36 -24.57 0.89
CA VAL D 159 1.21 -23.66 0.83
C VAL D 159 1.67 -22.33 1.46
N SER D 160 0.93 -21.25 1.24
CA SER D 160 1.27 -19.94 1.79
C SER D 160 1.06 -19.93 3.30
N PHE D 161 1.94 -19.22 4.01
CA PHE D 161 1.83 -19.14 5.47
C PHE D 161 0.60 -18.32 5.86
N LYS D 162 0.04 -17.61 4.88
CA LYS D 162 -1.15 -16.82 5.11
C LYS D 162 -2.30 -17.78 5.46
N SER D 163 -2.13 -18.80 4.70
CA SER D 163 -3.18 -19.78 4.93
C SER D 163 -3.01 -20.60 6.21
N VAL D 164 -2.05 -20.57 7.08
CA VAL D 164 -1.76 -21.29 8.31
C VAL D 164 -2.20 -20.52 9.54
N ASN D 165 -2.83 -21.20 10.50
CA ASN D 165 -3.25 -20.57 11.74
C ASN D 165 -2.47 -21.25 12.85
N ALA D 166 -1.38 -20.63 13.31
CA ALA D 166 -0.57 -21.24 14.37
C ALA D 166 -0.77 -20.59 15.72
N ILE D 167 -1.09 -21.40 16.73
CA ILE D 167 -1.32 -20.90 18.08
C ILE D 167 -0.11 -21.23 18.96
N VAL D 168 0.39 -20.24 19.70
CA VAL D 168 1.53 -20.47 20.58
C VAL D 168 1.28 -19.80 21.93
N LEU D 169 1.85 -20.38 22.98
CA LEU D 169 1.68 -19.88 24.33
C LEU D 169 2.96 -20.03 25.13
N GLY D 170 2.92 -19.61 26.39
CA GLY D 170 4.07 -19.77 27.28
C GLY D 170 4.96 -18.58 27.49
N MET D 171 6.13 -18.62 26.85
CA MET D 171 7.08 -17.52 26.94
C MET D 171 7.98 -17.48 25.72
N HIS D 172 8.65 -16.35 25.54
CA HIS D 172 9.51 -16.16 24.40
C HIS D 172 10.90 -16.72 24.66
N GLY D 173 10.98 -18.02 24.54
CA GLY D 173 12.25 -18.67 24.65
C GLY D 173 12.21 -20.18 24.41
N GLN D 174 12.90 -20.84 25.29
CA GLN D 174 13.11 -22.26 25.38
C GLN D 174 11.89 -23.06 25.74
N LYS D 175 11.00 -22.51 26.53
CA LYS D 175 9.77 -23.22 26.92
C LYS D 175 8.56 -22.72 26.20
N MET D 176 8.73 -22.09 25.01
CA MET D 176 7.63 -21.55 24.24
C MET D 176 6.95 -22.79 23.62
N PHE D 177 5.66 -22.99 23.87
CA PHE D 177 5.04 -24.17 23.29
C PHE D 177 3.84 -23.85 22.39
N PRO D 178 3.71 -24.59 21.27
CA PRO D 178 2.61 -24.38 20.33
C PRO D 178 1.46 -25.32 20.68
N VAL D 179 0.25 -24.96 20.29
CA VAL D 179 -0.89 -25.82 20.59
C VAL D 179 -1.48 -26.39 19.29
N PRO D 180 -0.79 -27.38 18.68
CA PRO D 180 -1.27 -27.98 17.45
C PRO D 180 -2.77 -28.27 17.45
N ARG D 181 -3.26 -28.77 18.57
CA ARG D 181 -4.68 -29.08 18.73
C ARG D 181 -5.57 -27.92 18.30
N LEU D 182 -5.08 -26.70 18.43
CA LEU D 182 -5.85 -25.53 18.08
C LEU D 182 -5.35 -24.86 16.80
N SER D 183 -4.24 -25.34 16.28
CA SER D 183 -3.68 -24.78 15.07
C SER D 183 -4.29 -25.44 13.84
N SER D 184 -4.18 -24.76 12.71
CA SER D 184 -4.75 -25.28 11.47
C SER D 184 -4.18 -24.69 10.20
N VAL D 185 -4.54 -25.35 9.09
CA VAL D 185 -4.08 -24.97 7.75
C VAL D 185 -5.25 -25.08 6.77
N GLY D 186 -5.78 -23.93 6.34
CA GLY D 186 -6.89 -23.94 5.41
C GLY D 186 -8.16 -24.51 5.99
N GLY D 187 -8.22 -24.60 7.30
CA GLY D 187 -9.40 -25.15 7.95
C GLY D 187 -9.14 -26.58 8.39
N VAL D 188 -8.09 -27.20 7.86
CA VAL D 188 -7.78 -28.57 8.25
C VAL D 188 -6.92 -28.59 9.52
N PRO D 189 -7.36 -29.32 10.55
CA PRO D 189 -6.61 -29.42 11.79
C PRO D 189 -5.17 -29.81 11.47
N LEU D 190 -4.20 -29.23 12.09
CA LEU D 190 -2.78 -29.45 11.87
C LEU D 190 -2.30 -30.86 12.11
N GLU D 191 -3.18 -31.67 12.66
CA GLU D 191 -2.75 -33.03 13.05
C GLU D 191 -3.23 -34.07 12.09
N HIS D 192 -4.07 -33.61 11.15
CA HIS D 192 -4.61 -34.52 10.11
C HIS D 192 -3.71 -34.37 8.88
N LEU D 193 -2.89 -33.32 9.01
CA LEU D 193 -1.94 -33.03 7.92
C LEU D 193 -0.55 -33.58 8.30
N MET D 194 -0.26 -33.37 9.61
CA MET D 194 1.11 -33.75 10.06
C MET D 194 1.10 -34.85 11.10
N SER D 195 2.38 -35.31 11.08
CA SER D 195 2.53 -36.36 12.10
C SER D 195 3.24 -35.79 13.31
N LYS D 196 3.37 -36.61 14.36
CA LYS D 196 4.08 -36.27 15.58
C LYS D 196 5.48 -35.79 15.36
N GLU D 197 5.99 -36.79 14.68
CA GLU D 197 7.38 -36.50 14.34
C GLU D 197 7.57 -35.19 13.56
N GLU D 198 6.74 -34.98 12.55
CA GLU D 198 6.82 -33.77 11.71
C GLU D 198 6.43 -32.49 12.45
N ILE D 199 5.40 -32.57 13.29
CA ILE D 199 4.97 -31.41 14.05
C ILE D 199 6.02 -31.07 15.09
N GLU D 200 6.86 -32.05 15.43
CA GLU D 200 7.91 -31.82 16.41
C GLU D 200 9.14 -31.15 15.79
N GLU D 201 9.33 -31.34 14.48
CA GLU D 201 10.44 -30.73 13.75
C GLU D 201 10.17 -29.23 13.60
N VAL D 202 8.96 -28.89 13.17
CA VAL D 202 8.57 -27.50 13.01
C VAL D 202 8.70 -26.77 14.33
N VAL D 203 8.21 -27.40 15.40
CA VAL D 203 8.29 -26.79 16.72
C VAL D 203 9.74 -26.56 17.07
N SER D 204 10.56 -27.58 16.85
CA SER D 204 11.98 -27.49 17.14
C SER D 204 12.58 -26.34 16.35
N GLU D 205 12.15 -26.20 15.10
CA GLU D 205 12.62 -25.14 14.22
C GLU D 205 12.24 -23.78 14.81
N THR D 206 10.95 -23.62 15.09
CA THR D 206 10.42 -22.39 15.67
C THR D 206 11.22 -21.97 16.91
N VAL D 207 11.27 -22.88 17.87
CA VAL D 207 11.95 -22.67 19.13
C VAL D 207 13.45 -22.32 19.03
N ASN D 208 14.08 -22.74 17.93
CA ASN D 208 15.49 -22.47 17.74
C ASN D 208 15.77 -21.45 16.64
N ALA D 209 14.72 -21.08 15.90
CA ALA D 209 14.85 -20.12 14.82
C ALA D 209 15.75 -18.92 15.14
N GLY D 210 15.41 -18.18 16.19
CA GLY D 210 16.20 -17.01 16.56
C GLY D 210 17.68 -17.26 16.79
N ALA D 211 18.04 -18.40 17.36
CA ALA D 211 19.45 -18.73 17.61
C ALA D 211 20.15 -19.15 16.32
N LYS D 212 19.38 -19.74 15.41
CA LYS D 212 19.95 -20.18 14.15
C LYS D 212 20.37 -18.96 13.32
N ILE D 213 19.57 -17.90 13.34
CA ILE D 213 19.90 -16.71 12.58
C ILE D 213 21.11 -15.99 13.13
N THR D 214 21.35 -16.18 14.43
CA THR D 214 22.49 -15.57 15.09
C THR D 214 23.75 -16.30 14.62
N GLU D 215 23.72 -17.63 14.65
CA GLU D 215 24.88 -18.40 14.21
C GLU D 215 25.24 -18.11 12.76
N LEU D 216 24.23 -18.08 11.89
CA LEU D 216 24.38 -17.83 10.46
C LEU D 216 24.88 -16.44 10.02
N ARG D 217 24.43 -15.36 10.67
CA ARG D 217 24.84 -14.01 10.28
C ARG D 217 25.55 -13.21 11.37
N GLY D 218 25.60 -13.67 12.54
CA GLY D 218 26.37 -12.99 13.54
C GLY D 218 25.64 -12.01 14.41
N TYR D 219 24.36 -11.74 14.12
CA TYR D 219 23.59 -10.95 15.10
C TYR D 219 22.17 -11.43 15.15
N SER D 220 21.67 -11.11 16.29
CA SER D 220 20.40 -11.67 16.68
C SER D 220 19.29 -11.02 15.86
N SER D 221 18.20 -11.76 15.67
CA SER D 221 17.05 -11.32 14.90
C SER D 221 16.69 -9.84 15.05
N ASN D 222 16.42 -9.15 13.94
CA ASN D 222 16.02 -7.75 14.02
C ASN D 222 14.82 -7.37 13.14
N TYR D 223 14.68 -8.03 11.99
CA TYR D 223 13.55 -7.72 11.10
C TYR D 223 12.22 -8.30 11.64
N GLY D 224 12.28 -9.49 12.22
CA GLY D 224 11.10 -10.11 12.79
C GLY D 224 10.46 -9.22 13.85
N PRO D 225 11.21 -8.85 14.90
CA PRO D 225 10.66 -7.98 15.95
C PRO D 225 10.06 -6.73 15.31
N ALA D 226 10.87 -6.09 14.46
CA ALA D 226 10.48 -4.87 13.75
C ALA D 226 9.15 -5.00 13.02
N ALA D 227 9.02 -6.01 12.18
CA ALA D 227 7.78 -6.24 11.43
C ALA D 227 6.61 -6.43 12.38
N GLY D 228 6.88 -7.08 13.52
CA GLY D 228 5.85 -7.32 14.51
C GLY D 228 5.42 -6.03 15.18
N LEU D 229 6.34 -5.07 15.26
CA LEU D 229 6.04 -3.78 15.87
C LEU D 229 5.13 -2.98 14.92
N VAL D 230 5.31 -3.17 13.61
CA VAL D 230 4.46 -2.47 12.65
C VAL D 230 3.01 -2.92 12.91
N LEU D 231 2.80 -4.23 12.99
CA LEU D 231 1.47 -4.75 13.25
C LEU D 231 0.85 -4.20 14.53
N THR D 232 1.65 -4.21 15.60
CA THR D 232 1.20 -3.72 16.90
C THR D 232 0.79 -2.25 16.83
N VAL D 233 1.58 -1.44 16.13
CA VAL D 233 1.28 -0.02 15.99
C VAL D 233 -0.01 0.14 15.20
N GLU D 234 -0.11 -0.58 14.09
CA GLU D 234 -1.31 -0.50 13.26
C GLU D 234 -2.56 -0.93 14.04
N ALA D 235 -2.40 -1.90 14.94
CA ALA D 235 -3.50 -2.42 15.74
C ALA D 235 -4.02 -1.38 16.72
N ILE D 236 -3.09 -0.64 17.31
CA ILE D 236 -3.37 0.40 18.29
C ILE D 236 -4.04 1.59 17.58
N LYS D 237 -3.39 2.12 16.57
CA LYS D 237 -3.93 3.26 15.82
C LYS D 237 -5.35 3.03 15.30
N ARG D 238 -5.64 1.82 14.81
CA ARG D 238 -6.97 1.50 14.27
C ARG D 238 -8.00 1.09 15.28
N ASP D 239 -7.56 0.87 16.51
CA ASP D 239 -8.45 0.43 17.58
C ASP D 239 -9.24 -0.78 17.07
N SER D 240 -8.53 -1.65 16.35
CA SER D 240 -9.10 -2.83 15.72
C SER D 240 -9.64 -3.96 16.59
N LYS D 241 -9.32 -3.96 18.01
CA LYS D 241 -9.85 -5.07 18.83
C LYS D 241 -9.36 -6.37 18.27
N ARG D 242 -8.06 -6.40 17.88
CA ARG D 242 -7.43 -7.58 17.30
C ARG D 242 -6.90 -8.57 18.35
N ILE D 243 -6.74 -9.90 18.11
CA ILE D 243 -6.26 -10.85 19.11
C ILE D 243 -4.88 -11.35 18.71
N TYR D 244 -3.86 -10.89 19.43
CA TYR D 244 -2.48 -11.28 19.18
C TYR D 244 -1.87 -11.77 20.47
N PRO D 245 -0.88 -12.67 20.40
CA PRO D 245 -0.25 -13.17 21.62
C PRO D 245 0.84 -12.18 22.05
N TYR D 246 0.84 -11.82 23.34
CA TYR D 246 1.81 -10.86 23.86
C TYR D 246 2.35 -11.30 25.23
N SER D 247 3.47 -10.73 25.63
CA SER D 247 4.03 -11.03 26.94
C SER D 247 3.47 -9.95 27.84
N LEU D 248 2.53 -10.35 28.70
CA LEU D 248 1.87 -9.44 29.59
C LEU D 248 1.98 -9.91 31.04
N TYR D 249 1.75 -8.98 31.96
CA TYR D 249 1.80 -9.26 33.40
C TYR D 249 0.47 -9.89 33.80
N LEU D 250 0.52 -11.10 34.33
CA LEU D 250 -0.70 -11.80 34.71
C LEU D 250 -1.21 -11.44 36.12
N GLN D 251 -2.51 -11.18 36.22
CA GLN D 251 -3.17 -10.85 37.49
C GLN D 251 -4.27 -11.88 37.77
N GLY D 252 -3.92 -13.17 37.66
CA GLY D 252 -4.90 -14.19 37.90
C GLY D 252 -5.19 -15.08 36.72
N GLU D 253 -5.23 -14.51 35.51
CA GLU D 253 -5.50 -15.28 34.31
C GLU D 253 -4.60 -16.52 34.24
N TYR D 254 -4.99 -17.63 33.68
CA TYR D 254 -4.24 -18.88 33.62
C TYR D 254 -3.83 -19.40 34.97
N GLY D 255 -4.38 -18.79 36.03
CA GLY D 255 -4.15 -19.26 37.39
C GLY D 255 -2.74 -18.94 37.85
N TYR D 256 -2.39 -17.69 37.58
CA TYR D 256 -1.07 -17.13 37.95
C TYR D 256 -1.26 -15.63 38.13
N ASN D 257 -0.46 -15.00 38.94
CA ASN D 257 -0.59 -13.55 39.17
C ASN D 257 0.78 -13.01 39.56
N ASP D 258 1.07 -11.90 39.20
CA ASP D 258 2.39 -11.34 39.51
C ASP D 258 3.48 -12.21 38.88
N ILE D 259 3.55 -12.25 37.57
CA ILE D 259 4.48 -12.81 36.60
C ILE D 259 4.02 -12.52 35.17
N VAL D 260 5.06 -12.51 34.27
CA VAL D 260 4.79 -12.24 32.86
C VAL D 260 4.86 -13.51 32.03
N ALA D 261 3.89 -13.67 31.15
CA ALA D 261 3.85 -14.84 30.27
C ALA D 261 3.33 -14.39 28.91
N GLU D 262 3.52 -15.25 27.92
CA GLU D 262 3.08 -15.00 26.55
C GLU D 262 1.68 -15.58 26.37
N VAL D 263 0.67 -14.71 26.23
CA VAL D 263 -0.72 -15.16 26.08
C VAL D 263 -1.52 -14.32 25.10
N PRO D 264 -2.65 -14.86 24.57
CA PRO D 264 -3.53 -14.15 23.62
C PRO D 264 -4.18 -12.97 24.33
N ALA D 265 -4.31 -11.85 23.63
CA ALA D 265 -4.92 -10.67 24.21
C ALA D 265 -5.54 -9.78 23.14
N VAL D 266 -6.57 -9.05 23.53
CA VAL D 266 -7.27 -8.14 22.63
C VAL D 266 -6.51 -6.82 22.76
N ILE D 267 -6.05 -6.27 21.64
CA ILE D 267 -5.30 -5.02 21.66
C ILE D 267 -6.07 -3.90 20.97
N GLY D 268 -6.09 -2.72 21.60
CA GLY D 268 -6.81 -1.60 21.01
C GLY D 268 -6.12 -0.26 21.14
N LYS D 269 -6.88 0.81 20.87
CA LYS D 269 -6.36 2.17 20.93
C LYS D 269 -5.76 2.54 22.28
N SER D 270 -6.18 1.88 23.34
CA SER D 270 -5.67 2.20 24.67
C SER D 270 -4.86 1.07 25.31
N GLY D 271 -4.28 0.21 24.49
CA GLY D 271 -3.48 -0.90 24.99
C GLY D 271 -4.25 -2.21 25.05
N ILE D 272 -3.83 -3.09 25.95
CA ILE D 272 -4.46 -4.41 26.15
C ILE D 272 -5.84 -4.26 26.78
N GLU D 273 -6.86 -4.81 26.12
CA GLU D 273 -8.22 -4.73 26.63
C GLU D 273 -8.60 -5.88 27.55
N ARG D 274 -8.12 -7.08 27.26
CA ARG D 274 -8.43 -8.23 28.09
C ARG D 274 -7.62 -9.41 27.57
N ILE D 275 -7.18 -10.29 28.47
CA ILE D 275 -6.40 -11.49 28.08
C ILE D 275 -7.39 -12.62 27.74
N ILE D 276 -7.13 -13.41 26.71
CA ILE D 276 -8.04 -14.51 26.38
C ILE D 276 -7.54 -15.83 26.99
N GLU D 277 -8.39 -16.51 27.77
CA GLU D 277 -7.94 -17.78 28.34
C GLU D 277 -8.41 -18.93 27.46
N LEU D 278 -7.45 -19.57 26.79
CA LEU D 278 -7.73 -20.69 25.89
C LEU D 278 -8.08 -21.96 26.66
N PRO D 279 -9.07 -22.71 26.16
CA PRO D 279 -9.47 -23.96 26.83
C PRO D 279 -8.35 -24.98 26.61
N LEU D 280 -7.52 -25.16 27.64
CA LEU D 280 -6.39 -26.07 27.56
C LEU D 280 -6.56 -27.43 28.22
N THR D 281 -5.80 -28.41 27.71
CA THR D 281 -5.81 -29.76 28.27
C THR D 281 -4.71 -29.73 29.33
N GLU D 282 -4.72 -30.70 30.23
CA GLU D 282 -3.71 -30.76 31.30
C GLU D 282 -2.29 -30.74 30.75
N ASP D 283 -1.97 -31.66 29.84
CA ASP D 283 -0.63 -31.68 29.27
C ASP D 283 -0.28 -30.28 28.79
N GLU D 284 -1.27 -29.57 28.25
CA GLU D 284 -1.05 -28.20 27.78
C GLU D 284 -0.81 -27.32 29.01
N LYS D 285 -1.66 -27.49 30.03
CA LYS D 285 -1.53 -26.74 31.28
C LYS D 285 -0.14 -26.96 31.86
N ARG D 286 0.36 -28.20 31.75
CA ARG D 286 1.68 -28.53 32.26
C ARG D 286 2.74 -27.78 31.48
N LYS D 287 2.56 -27.74 30.17
CA LYS D 287 3.50 -27.05 29.30
C LYS D 287 3.52 -25.59 29.75
N PHE D 288 2.34 -25.01 29.88
CA PHE D 288 2.22 -23.62 30.30
C PHE D 288 2.87 -23.35 31.65
N ASP D 289 2.67 -24.31 32.62
CA ASP D 289 3.27 -24.12 33.94
C ASP D 289 4.77 -24.05 33.86
N GLU D 290 5.34 -24.93 33.03
CA GLU D 290 6.82 -24.90 32.94
C GLU D 290 7.32 -23.55 32.43
N ALA D 291 6.52 -23.05 31.37
CA ALA D 291 6.87 -21.75 30.80
C ALA D 291 6.92 -20.71 31.92
N VAL D 292 5.88 -20.67 32.74
CA VAL D 292 5.84 -19.70 33.83
C VAL D 292 7.04 -19.87 34.76
N GLN D 293 7.25 -21.01 35.09
CA GLN D 293 8.32 -21.34 35.99
C GLN D 293 9.64 -20.90 35.39
N ALA D 294 9.85 -20.95 34.01
CA ALA D 294 11.06 -20.52 33.31
C ALA D 294 11.24 -19.01 33.46
N VAL D 295 10.14 -18.28 33.51
CA VAL D 295 10.20 -16.82 33.65
C VAL D 295 10.48 -16.43 35.11
N LYS D 296 9.94 -17.20 36.06
CA LYS D 296 10.18 -16.92 37.47
C LYS D 296 11.67 -17.11 37.76
N LYS D 297 12.31 -18.03 37.04
CA LYS D 297 13.73 -18.26 37.21
C LYS D 297 14.49 -17.06 36.69
N LEU D 298 14.14 -16.60 35.50
CA LEU D 298 14.80 -15.44 34.92
C LEU D 298 14.64 -14.24 35.86
N VAL D 299 13.43 -14.04 36.37
CA VAL D 299 13.18 -12.91 37.26
C VAL D 299 13.88 -12.98 38.60
N GLU D 300 14.05 -14.19 39.14
CA GLU D 300 14.70 -14.34 40.44
C GLU D 300 16.20 -14.25 40.35
N THR D 301 16.72 -14.05 39.15
CA THR D 301 18.16 -13.91 38.98
C THR D 301 18.46 -12.42 39.12
N LEU D 302 17.51 -11.57 38.72
CA LEU D 302 17.68 -10.13 38.83
C LEU D 302 17.87 -9.75 40.29
N PRO D 303 18.72 -8.74 40.56
CA PRO D 303 18.94 -8.30 41.95
C PRO D 303 17.65 -7.60 42.39
N PRO D 304 17.29 -7.71 43.68
CA PRO D 304 16.08 -7.10 44.24
C PRO D 304 15.73 -5.70 43.75
N GLN D 305 16.74 -4.85 43.61
CA GLN D 305 16.56 -3.48 43.16
C GLN D 305 15.90 -3.40 41.78
N LEU D 306 16.33 -4.27 40.88
CA LEU D 306 15.81 -4.33 39.52
C LEU D 306 14.41 -4.93 39.40
N ARG D 307 13.95 -5.62 40.43
CA ARG D 307 12.61 -6.20 40.40
C ARG D 307 11.79 -5.62 41.55
#